data_6H7R
#
_entry.id   6H7R
#
_cell.length_a   83.103
_cell.length_b   126.039
_cell.length_c   126.770
_cell.angle_alpha   90.00
_cell.angle_beta   90.00
_cell.angle_gamma   90.00
#
_symmetry.space_group_name_H-M   'P 21 21 21'
#
loop_
_entity.id
_entity.type
_entity.pdbx_description
1 polymer '2-dehydro-3-deoxy-phosphogluconate/2-dehydro-3-deoxy-6-phosphogalactonate aldolase'
2 non-polymer GLYCEROL
3 non-polymer 1,2-ETHANEDIOL
4 water water
#
_entity_poly.entity_id   1
_entity_poly.type   'polypeptide(L)'
_entity_poly.pdbx_seq_one_letter_code
;PEIITPIITPFTKDNRIDKEKLKIHAENLIRKGIDKLFVNGTTGLGPSLSPEEKLENLKAVYDVTNKIIFQVGGLNLDDA
IRLAKLSKDFDIVGIASYAPYYYPRMSEKHLVKYFKTLCEVSPHPVYLYNYPTATGKDIDAKVAKEIGCFTGVKDVIENI
IHTLDYKRLNPNMLVYSGSDMLIATVASTGLDGNVALGSNYLPEVTVTIKKLAMERKIDEALKLQFLHDEVIEASRIFGS
LSSNYVLTKYFQGYDLGYPRPPIFPLDDEEERQLIKKVEGIRAKLVELKILKE
;
_entity_poly.pdbx_strand_id   A,B,C,D
#
loop_
_chem_comp.id
_chem_comp.type
_chem_comp.name
_chem_comp.formula
EDO non-polymer 1,2-ETHANEDIOL 'C2 H6 O2'
GOL non-polymer GLYCEROL 'C3 H8 O3'
#
# COMPACT_ATOMS: atom_id res chain seq x y z
N PRO A 1 1.39 33.19 -5.08
CA PRO A 1 1.67 31.99 -4.27
C PRO A 1 2.74 32.22 -3.23
N GLU A 2 2.72 31.40 -2.18
CA GLU A 2 3.50 31.64 -0.97
C GLU A 2 4.39 30.45 -0.65
N ILE A 3 5.43 30.72 0.14
CA ILE A 3 6.21 29.70 0.82
C ILE A 3 5.90 29.83 2.30
N ILE A 4 5.47 28.74 2.92
CA ILE A 4 5.20 28.70 4.35
C ILE A 4 6.20 27.74 4.99
N THR A 5 6.93 28.23 5.98
CA THR A 5 7.89 27.39 6.68
C THR A 5 7.22 26.65 7.83
N PRO A 6 7.13 25.33 7.80
CA PRO A 6 6.76 24.60 9.01
C PRO A 6 7.94 24.67 9.97
N ILE A 7 7.92 25.68 10.83
CA ILE A 7 9.11 26.08 11.57
C ILE A 7 9.53 24.98 12.53
N ILE A 8 10.84 24.88 12.74
CA ILE A 8 11.41 23.91 13.67
C ILE A 8 11.21 24.40 15.10
N THR A 9 10.98 23.46 16.01
CA THR A 9 10.98 23.77 17.43
C THR A 9 12.36 23.45 17.98
N PRO A 10 13.14 24.46 18.40
CA PRO A 10 14.48 24.15 18.96
C PRO A 10 14.42 23.81 20.43
N PHE A 11 15.09 22.73 20.84
CA PHE A 11 15.11 22.29 22.22
C PHE A 11 16.50 22.46 22.82
N THR A 12 16.54 22.66 24.13
CA THR A 12 17.78 22.80 24.85
C THR A 12 18.36 21.42 25.19
N LYS A 13 19.57 21.44 25.76
CA LYS A 13 20.16 20.22 26.28
C LYS A 13 19.20 19.50 27.23
N ASP A 14 18.38 20.26 27.94
CA ASP A 14 17.50 19.74 28.97
C ASP A 14 16.09 19.48 28.47
N ASN A 15 15.90 19.45 27.15
CA ASN A 15 14.62 19.08 26.54
C ASN A 15 13.54 20.14 26.79
N ARG A 16 13.93 21.41 26.74
CA ARG A 16 13.00 22.53 26.85
C ARG A 16 13.07 23.36 25.57
N ILE A 17 11.97 24.02 25.23
CA ILE A 17 11.95 24.85 24.04
C ILE A 17 12.85 26.06 24.26
N ASP A 18 13.82 26.26 23.36
CA ASP A 18 14.69 27.42 23.38
C ASP A 18 13.94 28.57 22.72
N LYS A 19 13.19 29.32 23.53
CA LYS A 19 12.37 30.40 22.99
C LYS A 19 13.20 31.41 22.22
N GLU A 20 14.47 31.60 22.62
CA GLU A 20 15.27 32.68 22.02
C GLU A 20 15.85 32.25 20.68
N LYS A 21 16.26 30.99 20.53
CA LYS A 21 16.73 30.53 19.23
C LYS A 21 15.58 30.45 18.23
N LEU A 22 14.40 30.03 18.69
CA LEU A 22 13.24 29.99 17.80
C LEU A 22 12.89 31.38 17.27
N LYS A 23 13.12 32.43 18.05
CA LYS A 23 12.82 33.78 17.59
C LYS A 23 13.84 34.25 16.55
N ILE A 24 15.12 33.93 16.76
CA ILE A 24 16.14 34.25 15.75
C ILE A 24 15.79 33.57 14.44
N HIS A 25 15.64 32.25 14.49
CA HIS A 25 15.21 31.48 13.32
C HIS A 25 13.94 32.07 12.70
N ALA A 26 12.96 32.42 13.55
CA ALA A 26 11.73 33.00 13.05
C ALA A 26 11.97 34.33 12.36
N GLU A 27 12.67 35.24 13.03
CA GLU A 27 12.98 36.54 12.41
C GLU A 27 13.68 36.33 11.07
N ASN A 28 14.75 35.54 11.07
CA ASN A 28 15.49 35.29 9.83
C ASN A 28 14.57 34.87 8.71
N LEU A 29 13.71 33.87 8.95
CA LEU A 29 12.89 33.32 7.89
C LEU A 29 12.03 34.40 7.24
N ILE A 30 11.28 35.16 8.07
CA ILE A 30 10.45 36.22 7.54
C ILE A 30 11.29 37.18 6.69
N ARG A 31 12.49 37.49 7.16
CA ARG A 31 13.32 38.49 6.51
C ARG A 31 13.90 38.02 5.18
N LYS A 32 13.97 36.71 4.96
CA LYS A 32 14.48 36.18 3.69
C LYS A 32 13.36 35.88 2.71
N GLY A 33 12.13 36.29 3.01
CA GLY A 33 11.03 36.20 2.07
C GLY A 33 9.96 35.18 2.41
N ILE A 34 10.10 34.46 3.53
CA ILE A 34 9.06 33.52 3.91
C ILE A 34 7.77 34.28 4.18
N ASP A 35 6.66 33.74 3.68
CA ASP A 35 5.37 34.43 3.75
C ASP A 35 4.68 34.20 5.08
N LYS A 36 4.50 32.96 5.47
CA LYS A 36 3.84 32.61 6.72
C LYS A 36 4.71 31.60 7.47
N LEU A 37 4.45 31.48 8.77
CA LEU A 37 5.14 30.52 9.62
C LEU A 37 4.13 29.54 10.21
N PHE A 38 4.27 28.26 9.85
CA PHE A 38 3.41 27.20 10.35
C PHE A 38 4.03 26.63 11.63
N VAL A 39 3.36 26.85 12.77
CA VAL A 39 3.90 26.52 14.08
C VAL A 39 3.29 25.22 14.58
N ASN A 40 4.11 24.40 15.24
CA ASN A 40 3.68 23.13 15.81
C ASN A 40 3.37 22.09 14.74
N GLY A 41 4.07 22.13 13.61
CA GLY A 41 3.86 21.16 12.55
C GLY A 41 4.75 19.93 12.71
N THR A 42 4.59 19.00 11.77
CA THR A 42 5.41 17.81 11.77
C THR A 42 6.88 18.15 11.88
N THR A 43 7.33 19.19 11.17
CA THR A 43 8.75 19.55 11.19
C THR A 43 9.12 20.12 12.56
N GLY A 44 8.22 20.87 13.18
CA GLY A 44 8.36 21.34 14.54
C GLY A 44 8.08 20.30 15.61
N LEU A 45 7.93 19.03 15.23
CA LEU A 45 7.67 17.95 16.17
C LEU A 45 6.37 18.19 16.95
N GLY A 46 5.33 18.60 16.24
CA GLY A 46 4.07 18.96 16.84
C GLY A 46 3.56 17.91 17.81
N PRO A 47 3.32 16.70 17.31
CA PRO A 47 2.82 15.63 18.19
C PRO A 47 3.72 15.32 19.37
N SER A 48 4.96 15.80 19.38
CA SER A 48 5.86 15.59 20.50
C SER A 48 5.69 16.62 21.61
N LEU A 49 4.89 17.66 21.39
CA LEU A 49 4.81 18.81 22.28
C LEU A 49 3.55 18.74 23.14
N SER A 50 3.70 19.09 24.42
CA SER A 50 2.54 19.26 25.27
C SER A 50 1.72 20.44 24.77
N PRO A 51 0.44 20.53 25.17
CA PRO A 51 -0.35 21.71 24.78
C PRO A 51 0.28 23.01 25.25
N GLU A 52 0.89 22.99 26.45
CA GLU A 52 1.55 24.18 26.94
C GLU A 52 2.73 24.54 26.06
N GLU A 53 3.47 23.53 25.61
CA GLU A 53 4.59 23.76 24.70
C GLU A 53 4.12 24.17 23.32
N LYS A 54 2.91 23.76 22.93
CA LYS A 54 2.34 24.25 21.69
C LYS A 54 1.96 25.73 21.79
N LEU A 55 1.43 26.13 22.96
CA LEU A 55 1.13 27.54 23.17
C LEU A 55 2.39 28.37 23.38
N GLU A 56 3.42 27.79 24.00
CA GLU A 56 4.66 28.51 24.20
C GLU A 56 5.33 28.81 22.86
N ASN A 57 5.21 27.90 21.90
CA ASN A 57 5.77 28.16 20.57
C ASN A 57 5.05 29.31 19.89
N LEU A 58 3.72 29.38 20.01
CA LEU A 58 2.96 30.49 19.44
C LEU A 58 3.41 31.82 20.05
N LYS A 59 3.38 31.91 21.38
CA LYS A 59 3.75 33.15 22.05
C LYS A 59 5.13 33.63 21.62
N ALA A 60 6.06 32.70 21.42
CA ALA A 60 7.42 33.07 21.02
C ALA A 60 7.43 33.60 19.58
N VAL A 61 6.91 32.81 18.64
CA VAL A 61 6.87 33.24 17.25
C VAL A 61 6.03 34.49 17.08
N TYR A 62 5.02 34.67 17.93
CA TYR A 62 4.17 35.85 17.82
C TYR A 62 4.94 37.12 18.14
N ASP A 63 5.98 37.02 18.96
CA ASP A 63 6.81 38.18 19.26
C ASP A 63 7.59 38.66 18.04
N VAL A 64 7.61 37.88 16.96
CA VAL A 64 8.38 38.19 15.77
C VAL A 64 7.48 38.55 14.60
N THR A 65 6.30 37.93 14.51
CA THR A 65 5.42 38.16 13.38
C THR A 65 4.03 37.64 13.72
N ASN A 66 3.03 38.25 13.11
CA ASN A 66 1.66 37.78 13.21
C ASN A 66 1.26 36.85 12.07
N LYS A 67 2.17 36.62 11.12
CA LYS A 67 1.93 35.70 10.00
C LYS A 67 2.17 34.27 10.48
N ILE A 68 1.27 33.80 11.34
CA ILE A 68 1.39 32.51 12.00
C ILE A 68 0.13 31.71 11.75
N ILE A 69 0.30 30.45 11.34
CA ILE A 69 -0.77 29.46 11.42
C ILE A 69 -0.44 28.52 12.57
N PHE A 70 -1.42 28.32 13.44
CA PHE A 70 -1.26 27.77 14.78
C PHE A 70 -1.92 26.39 14.79
N GLN A 71 -1.13 25.34 14.58
CA GLN A 71 -1.67 23.98 14.58
C GLN A 71 -1.81 23.50 16.03
N VAL A 72 -3.00 23.00 16.36
CA VAL A 72 -3.40 22.78 17.74
C VAL A 72 -3.81 21.35 18.02
N GLY A 73 -3.86 20.48 17.01
CA GLY A 73 -4.53 19.21 17.16
C GLY A 73 -3.79 18.19 18.01
N GLY A 74 -4.52 17.16 18.40
CA GLY A 74 -3.94 16.09 19.19
C GLY A 74 -4.99 15.03 19.49
N LEU A 75 -4.64 14.13 20.40
CA LEU A 75 -5.53 13.03 20.77
C LEU A 75 -6.32 13.32 22.04
N ASN A 76 -6.35 14.56 22.50
CA ASN A 76 -7.25 14.99 23.58
C ASN A 76 -7.97 16.23 23.07
N LEU A 77 -9.23 16.06 22.65
CA LEU A 77 -9.95 17.16 22.03
C LEU A 77 -10.07 18.37 22.96
N ASP A 78 -10.20 18.13 24.27
CA ASP A 78 -10.35 19.25 25.19
C ASP A 78 -9.11 20.15 25.16
N ASP A 79 -7.91 19.55 25.01
CA ASP A 79 -6.71 20.37 24.87
C ASP A 79 -6.76 21.19 23.57
N ALA A 80 -7.17 20.55 22.47
CA ALA A 80 -7.24 21.24 21.19
C ALA A 80 -8.24 22.40 21.25
N ILE A 81 -9.45 22.12 21.74
CA ILE A 81 -10.47 23.16 21.85
C ILE A 81 -9.92 24.36 22.59
N ARG A 82 -9.18 24.10 23.68
CA ARG A 82 -8.68 25.20 24.51
C ARG A 82 -7.52 25.93 23.85
N LEU A 83 -6.68 25.21 23.11
CA LEU A 83 -5.65 25.89 22.34
C LEU A 83 -6.27 26.75 21.23
N ALA A 84 -7.40 26.33 20.68
CA ALA A 84 -8.11 27.16 19.72
C ALA A 84 -8.64 28.44 20.37
N LYS A 85 -9.28 28.31 21.53
CA LYS A 85 -9.84 29.46 22.21
C LYS A 85 -8.77 30.42 22.69
N LEU A 86 -7.65 29.90 23.20
CA LEU A 86 -6.58 30.77 23.70
C LEU A 86 -5.94 31.60 22.60
N SER A 87 -6.11 31.21 21.33
CA SER A 87 -5.59 32.00 20.21
C SER A 87 -6.43 33.23 19.93
N LYS A 88 -7.62 33.33 20.52
CA LYS A 88 -8.47 34.52 20.35
C LYS A 88 -7.67 35.81 20.40
N ASP A 89 -6.75 35.91 21.38
CA ASP A 89 -6.05 37.15 21.66
C ASP A 89 -4.82 37.36 20.77
N PHE A 90 -4.56 36.47 19.84
CA PHE A 90 -3.47 36.61 18.88
C PHE A 90 -4.05 36.91 17.51
N ASP A 91 -3.60 38.01 16.88
CA ASP A 91 -4.10 38.40 15.57
C ASP A 91 -3.32 37.67 14.48
N ILE A 92 -3.59 36.38 14.37
CA ILE A 92 -2.83 35.51 13.47
C ILE A 92 -3.67 35.09 12.26
N VAL A 93 -3.02 34.36 11.34
CA VAL A 93 -3.66 33.97 10.09
C VAL A 93 -4.75 32.94 10.33
N GLY A 94 -4.51 32.00 11.22
CA GLY A 94 -5.48 30.95 11.47
C GLY A 94 -4.86 29.83 12.26
N ILE A 95 -5.71 28.89 12.64
CA ILE A 95 -5.28 27.68 13.32
C ILE A 95 -5.43 26.53 12.34
N ALA A 96 -4.70 25.46 12.63
CA ALA A 96 -4.80 24.25 11.82
C ALA A 96 -4.85 23.04 12.73
N SER A 97 -5.24 21.92 12.17
CA SER A 97 -5.17 20.64 12.85
C SER A 97 -5.01 19.55 11.81
N TYR A 98 -4.07 18.64 12.05
CA TYR A 98 -4.10 17.39 11.32
C TYR A 98 -5.26 16.55 11.83
N ALA A 99 -5.53 15.46 11.13
CA ALA A 99 -6.52 14.50 11.60
C ALA A 99 -6.00 13.83 12.86
N PRO A 100 -6.89 13.32 13.71
CA PRO A 100 -6.45 12.51 14.85
C PRO A 100 -5.57 11.36 14.38
N TYR A 101 -4.38 11.26 14.96
CA TYR A 101 -3.36 10.36 14.44
C TYR A 101 -3.34 9.05 15.22
N TYR A 102 -2.60 8.09 14.67
CA TYR A 102 -2.36 6.77 15.27
C TYR A 102 -3.48 5.79 14.98
N TYR A 103 -4.68 6.04 15.50
CA TYR A 103 -5.73 5.03 15.50
C TYR A 103 -6.22 4.75 14.09
N PRO A 104 -6.13 3.50 13.61
CA PRO A 104 -6.52 3.22 12.23
C PRO A 104 -8.02 3.02 12.08
N ARG A 105 -8.45 3.08 10.82
CA ARG A 105 -9.84 2.78 10.45
C ARG A 105 -10.81 3.57 11.32
N MET A 106 -10.59 4.88 11.40
CA MET A 106 -11.54 5.77 12.05
C MET A 106 -12.68 6.12 11.09
N SER A 107 -13.85 6.39 11.66
CA SER A 107 -15.03 6.64 10.84
C SER A 107 -15.02 8.05 10.28
N GLU A 108 -15.49 8.17 9.04
CA GLU A 108 -15.62 9.50 8.43
C GLU A 108 -16.54 10.39 9.26
N LYS A 109 -17.51 9.81 9.96
CA LYS A 109 -18.39 10.60 10.81
C LYS A 109 -17.61 11.26 11.94
N HIS A 110 -16.79 10.47 12.64
CA HIS A 110 -16.02 11.01 13.77
C HIS A 110 -14.96 11.99 13.30
N LEU A 111 -14.31 11.71 12.16
CA LEU A 111 -13.31 12.62 11.65
C LEU A 111 -13.93 13.95 11.26
N VAL A 112 -15.14 13.93 10.70
CA VAL A 112 -15.84 15.19 10.41
C VAL A 112 -16.23 15.88 11.70
N LYS A 113 -16.74 15.12 12.68
CA LYS A 113 -17.10 15.71 13.96
C LYS A 113 -15.89 16.39 14.60
N TYR A 114 -14.71 15.80 14.47
CA TYR A 114 -13.51 16.40 15.02
C TYR A 114 -13.27 17.77 14.40
N PHE A 115 -13.19 17.84 13.07
CA PHE A 115 -12.88 19.11 12.42
C PHE A 115 -13.99 20.12 12.58
N LYS A 116 -15.25 19.68 12.61
CA LYS A 116 -16.34 20.61 12.81
C LYS A 116 -16.29 21.24 14.18
N THR A 117 -16.00 20.44 15.22
CA THR A 117 -15.83 20.99 16.55
C THR A 117 -14.84 22.14 16.55
N LEU A 118 -13.63 21.89 16.03
CA LEU A 118 -12.62 22.94 15.99
C LEU A 118 -13.14 24.18 15.29
N CYS A 119 -13.85 24.01 14.17
CA CYS A 119 -14.44 25.16 13.50
C CYS A 119 -15.41 25.88 14.41
N GLU A 120 -16.19 25.14 15.19
CA GLU A 120 -17.19 25.76 16.06
C GLU A 120 -16.56 26.68 17.09
N VAL A 121 -15.37 26.30 17.59
CA VAL A 121 -14.74 27.03 18.68
C VAL A 121 -13.67 28.01 18.21
N SER A 122 -13.30 27.98 16.94
CA SER A 122 -12.14 28.74 16.50
C SER A 122 -12.48 30.21 16.36
N PRO A 123 -11.68 31.12 16.96
CA PRO A 123 -11.81 32.54 16.65
C PRO A 123 -11.03 32.99 15.41
N HIS A 124 -10.47 32.06 14.66
CA HIS A 124 -9.71 32.37 13.46
C HIS A 124 -10.10 31.37 12.38
N PRO A 125 -9.78 31.67 11.12
CA PRO A 125 -9.91 30.66 10.07
C PRO A 125 -9.24 29.36 10.45
N VAL A 126 -9.84 28.25 10.02
CA VAL A 126 -9.34 26.91 10.31
C VAL A 126 -8.71 26.34 9.05
N TYR A 127 -7.49 25.83 9.19
CA TYR A 127 -6.76 25.20 8.09
C TYR A 127 -6.67 23.70 8.32
N LEU A 128 -6.97 22.93 7.27
CA LEU A 128 -6.77 21.49 7.32
C LEU A 128 -5.31 21.18 7.07
N TYR A 129 -4.70 20.41 7.97
CA TYR A 129 -3.33 19.95 7.83
C TYR A 129 -3.41 18.47 7.44
N ASN A 130 -3.52 18.22 6.14
CA ASN A 130 -3.77 16.88 5.64
C ASN A 130 -2.44 16.18 5.41
N TYR A 131 -2.24 15.05 6.09
CA TYR A 131 -0.98 14.30 6.02
C TYR A 131 -1.31 12.83 6.13
N PRO A 132 -1.75 12.20 5.03
CA PRO A 132 -2.22 10.81 5.12
C PRO A 132 -1.21 9.85 5.70
N THR A 133 0.07 9.99 5.36
CA THR A 133 1.08 9.00 5.72
C THR A 133 1.56 9.16 7.15
N ALA A 134 1.39 10.34 7.76
CA ALA A 134 1.71 10.54 9.16
C ALA A 134 0.53 10.26 10.08
N THR A 135 -0.68 10.63 9.66
CA THR A 135 -1.87 10.48 10.49
C THR A 135 -2.52 9.12 10.34
N GLY A 136 -2.27 8.42 9.23
CA GLY A 136 -2.94 7.16 8.98
C GLY A 136 -4.31 7.27 8.35
N LYS A 137 -4.74 8.48 8.00
CA LYS A 137 -5.97 8.66 7.26
C LYS A 137 -5.85 9.93 6.44
N ASP A 138 -6.71 10.04 5.43
CA ASP A 138 -6.70 11.15 4.48
C ASP A 138 -8.04 11.87 4.56
N ILE A 139 -7.99 13.19 4.60
CA ILE A 139 -9.19 14.02 4.45
C ILE A 139 -9.12 14.61 3.03
N ASP A 140 -9.73 13.92 2.07
CA ASP A 140 -9.64 14.31 0.67
C ASP A 140 -10.46 15.57 0.40
N ALA A 141 -10.37 16.06 -0.84
CA ALA A 141 -11.17 17.21 -1.25
C ALA A 141 -12.64 17.01 -0.93
N LYS A 142 -13.18 15.81 -1.22
CA LYS A 142 -14.58 15.55 -0.98
C LYS A 142 -14.95 15.76 0.49
N VAL A 143 -14.13 15.22 1.39
CA VAL A 143 -14.45 15.28 2.82
C VAL A 143 -14.29 16.69 3.35
N ALA A 144 -13.25 17.41 2.89
CA ALA A 144 -13.09 18.79 3.32
C ALA A 144 -14.31 19.62 2.96
N LYS A 145 -14.88 19.38 1.79
CA LYS A 145 -16.13 20.04 1.41
C LYS A 145 -17.24 19.71 2.41
N GLU A 146 -17.40 18.43 2.74
CA GLU A 146 -18.40 18.04 3.71
C GLU A 146 -18.22 18.78 5.02
N ILE A 147 -17.01 18.69 5.59
CA ILE A 147 -16.70 19.43 6.82
C ILE A 147 -17.16 20.87 6.67
N GLY A 148 -16.78 21.52 5.57
CA GLY A 148 -17.42 22.73 5.12
C GLY A 148 -16.81 24.03 5.59
N CYS A 149 -15.83 24.01 6.49
CA CYS A 149 -15.43 25.22 7.20
C CYS A 149 -13.92 25.46 7.15
N PHE A 150 -13.25 24.99 6.10
CA PHE A 150 -11.82 25.20 5.94
C PHE A 150 -11.57 26.42 5.06
N THR A 151 -10.82 27.38 5.57
CA THR A 151 -10.33 28.46 4.71
C THR A 151 -9.19 27.99 3.81
N GLY A 152 -8.37 27.05 4.29
CA GLY A 152 -7.25 26.55 3.51
C GLY A 152 -6.91 25.12 3.87
N VAL A 153 -6.17 24.47 2.98
CA VAL A 153 -5.66 23.12 3.20
C VAL A 153 -4.17 23.10 2.93
N LYS A 154 -3.47 22.21 3.62
CA LYS A 154 -2.04 21.99 3.43
C LYS A 154 -1.93 20.49 3.18
N ASP A 155 -1.72 20.10 1.93
CA ASP A 155 -1.80 18.70 1.51
C ASP A 155 -0.39 18.13 1.44
N VAL A 156 -0.02 17.38 2.48
CA VAL A 156 1.29 16.74 2.53
C VAL A 156 1.13 15.38 1.84
N ILE A 157 1.41 15.37 0.54
CA ILE A 157 1.25 14.16 -0.26
C ILE A 157 2.02 14.36 -1.55
N GLU A 158 2.64 13.29 -2.03
CA GLU A 158 3.40 13.34 -3.26
C GLU A 158 2.52 13.25 -4.51
N ASN A 159 1.19 13.26 -4.33
CA ASN A 159 0.23 13.12 -5.42
C ASN A 159 -0.45 14.48 -5.63
N ILE A 160 -0.09 15.16 -6.71
CA ILE A 160 -0.58 16.54 -6.90
C ILE A 160 -1.97 16.60 -7.49
N ILE A 161 -2.48 15.50 -8.06
CA ILE A 161 -3.88 15.46 -8.44
C ILE A 161 -4.76 15.56 -7.21
N HIS A 162 -4.39 14.82 -6.16
CA HIS A 162 -5.07 14.90 -4.88
C HIS A 162 -5.13 16.33 -4.38
N THR A 163 -4.05 17.08 -4.58
CA THR A 163 -3.99 18.47 -4.11
C THR A 163 -4.86 19.38 -4.97
N LEU A 164 -4.77 19.25 -6.30
CA LEU A 164 -5.59 20.08 -7.17
C LEU A 164 -7.07 19.88 -6.92
N ASP A 165 -7.48 18.71 -6.44
CA ASP A 165 -8.90 18.43 -6.27
C ASP A 165 -9.53 19.32 -5.21
N TYR A 166 -8.75 19.74 -4.21
CA TYR A 166 -9.28 20.66 -3.21
C TYR A 166 -9.78 21.94 -3.87
N LYS A 167 -9.04 22.43 -4.87
CA LYS A 167 -9.46 23.64 -5.58
C LYS A 167 -10.60 23.34 -6.55
N ARG A 168 -10.57 22.16 -7.17
CA ARG A 168 -11.68 21.72 -8.01
C ARG A 168 -13.00 21.83 -7.26
N LEU A 169 -13.11 21.14 -6.12
CA LEU A 169 -14.35 21.05 -5.37
C LEU A 169 -14.51 22.16 -4.34
N ASN A 170 -13.47 22.93 -4.05
CA ASN A 170 -13.54 24.05 -3.10
C ASN A 170 -12.84 25.25 -3.73
N PRO A 171 -13.47 25.89 -4.72
CA PRO A 171 -12.80 27.00 -5.43
C PRO A 171 -12.32 28.13 -4.54
N ASN A 172 -13.00 28.40 -3.43
CA ASN A 172 -12.63 29.50 -2.57
C ASN A 172 -11.59 29.12 -1.52
N MET A 173 -10.99 27.95 -1.63
CA MET A 173 -10.09 27.44 -0.62
C MET A 173 -8.64 27.70 -1.00
N LEU A 174 -7.84 28.11 -0.03
CA LEU A 174 -6.40 28.20 -0.23
C LEU A 174 -5.81 26.79 -0.20
N VAL A 175 -5.07 26.44 -1.24
CA VAL A 175 -4.55 25.08 -1.42
C VAL A 175 -3.04 25.15 -1.52
N TYR A 176 -2.36 24.59 -0.52
CA TYR A 176 -0.91 24.48 -0.51
C TYR A 176 -0.52 23.01 -0.59
N SER A 177 0.58 22.73 -1.29
CA SER A 177 1.20 21.41 -1.25
C SER A 177 2.26 21.39 -0.17
N GLY A 178 2.50 20.21 0.39
CA GLY A 178 3.47 20.06 1.45
C GLY A 178 4.78 19.44 0.98
N SER A 179 5.01 19.43 -0.33
CA SER A 179 6.17 18.77 -0.90
C SER A 179 7.17 19.81 -1.36
N ASP A 180 8.37 19.78 -0.75
CA ASP A 180 9.44 20.67 -1.14
C ASP A 180 9.84 20.53 -2.61
N MET A 181 9.52 19.38 -3.22
CA MET A 181 9.98 19.07 -4.56
C MET A 181 9.04 19.56 -5.66
N LEU A 182 7.92 20.19 -5.29
CA LEU A 182 6.96 20.69 -6.26
C LEU A 182 6.82 22.20 -6.20
N ILE A 183 7.77 22.89 -5.58
CA ILE A 183 7.68 24.34 -5.46
C ILE A 183 7.53 24.97 -6.84
N ALA A 184 8.41 24.59 -7.76
CA ALA A 184 8.33 25.11 -9.13
C ALA A 184 7.02 24.70 -9.79
N THR A 185 6.66 23.42 -9.68
CA THR A 185 5.40 22.94 -10.28
C THR A 185 4.20 23.65 -9.69
N VAL A 186 4.07 23.63 -8.36
CA VAL A 186 2.93 24.25 -7.69
C VAL A 186 2.76 25.70 -8.14
N ALA A 187 3.85 26.45 -8.25
CA ALA A 187 3.75 27.87 -8.55
C ALA A 187 3.32 28.11 -9.99
N SER A 188 3.75 27.25 -10.92
CA SER A 188 3.41 27.44 -12.32
C SER A 188 2.06 26.85 -12.70
N THR A 189 1.41 26.12 -11.81
CA THR A 189 0.17 25.42 -12.14
C THR A 189 -1.06 26.03 -11.49
N GLY A 190 -0.92 27.15 -10.79
CA GLY A 190 -2.06 27.87 -10.26
C GLY A 190 -2.48 27.51 -8.86
N LEU A 191 -1.71 26.71 -8.15
CA LEU A 191 -1.97 26.46 -6.73
C LEU A 191 -1.37 27.60 -5.90
N ASP A 192 -1.61 27.59 -4.60
CA ASP A 192 -1.37 28.75 -3.77
C ASP A 192 -0.01 28.76 -3.07
N GLY A 193 0.75 27.68 -3.13
CA GLY A 193 2.08 27.70 -2.57
C GLY A 193 2.41 26.40 -1.87
N ASN A 194 3.55 26.41 -1.18
CA ASN A 194 4.11 25.21 -0.58
C ASN A 194 4.34 25.40 0.92
N VAL A 195 4.03 24.37 1.69
CA VAL A 195 4.47 24.25 3.07
C VAL A 195 5.74 23.42 3.02
N ALA A 196 6.88 24.09 2.93
CA ALA A 196 8.15 23.46 2.62
C ALA A 196 8.99 23.35 3.88
N LEU A 197 9.33 22.11 4.27
CA LEU A 197 10.20 21.96 5.44
C LEU A 197 11.62 22.43 5.11
N GLY A 198 12.10 22.16 3.90
CA GLY A 198 13.42 22.58 3.49
C GLY A 198 13.62 24.08 3.46
N SER A 199 12.55 24.86 3.56
CA SER A 199 12.70 26.30 3.66
C SER A 199 13.17 26.73 5.04
N ASN A 200 13.29 25.78 5.98
CA ASN A 200 13.89 26.09 7.27
C ASN A 200 15.37 26.42 7.11
N TYR A 201 16.07 25.68 6.25
CA TYR A 201 17.51 25.85 6.11
C TYR A 201 17.94 26.49 4.79
N LEU A 202 17.06 26.57 3.80
CA LEU A 202 17.39 27.24 2.53
C LEU A 202 16.18 28.06 2.07
N PRO A 203 15.74 29.01 2.89
CA PRO A 203 14.63 29.88 2.46
C PRO A 203 14.95 30.67 1.20
N GLU A 204 16.20 31.11 1.05
CA GLU A 204 16.62 31.75 -0.20
C GLU A 204 16.18 30.91 -1.39
N VAL A 205 16.44 29.61 -1.34
CA VAL A 205 16.23 28.76 -2.50
C VAL A 205 14.74 28.60 -2.79
N THR A 206 13.97 28.22 -1.77
CA THR A 206 12.54 28.00 -1.98
C THR A 206 11.85 29.27 -2.46
N VAL A 207 12.29 30.44 -2.00
CA VAL A 207 11.69 31.68 -2.47
C VAL A 207 12.15 32.02 -3.87
N THR A 208 13.39 31.67 -4.23
CA THR A 208 13.87 31.96 -5.57
C THR A 208 13.26 31.01 -6.61
N ILE A 209 13.06 29.74 -6.25
CA ILE A 209 12.30 28.83 -7.12
C ILE A 209 10.96 29.47 -7.44
N LYS A 210 10.23 29.86 -6.39
CA LYS A 210 8.91 30.45 -6.54
C LYS A 210 8.96 31.68 -7.43
N LYS A 211 9.83 32.64 -7.11
CA LYS A 211 10.00 33.82 -7.95
C LYS A 211 10.21 33.43 -9.41
N LEU A 212 11.10 32.47 -9.65
CA LEU A 212 11.43 32.07 -11.01
C LEU A 212 10.20 31.54 -11.74
N ALA A 213 9.44 30.65 -11.09
CA ALA A 213 8.25 30.11 -11.72
C ALA A 213 7.21 31.21 -11.99
N MET A 214 7.02 32.10 -11.02
CA MET A 214 6.16 33.26 -11.27
C MET A 214 6.65 34.05 -12.47
N GLU A 215 7.96 34.06 -12.71
CA GLU A 215 8.56 34.76 -13.83
C GLU A 215 8.55 33.92 -15.11
N ARG A 216 7.97 32.73 -15.09
CA ARG A 216 7.82 31.86 -16.25
C ARG A 216 9.15 31.34 -16.76
N LYS A 217 10.24 31.58 -16.04
CA LYS A 217 11.54 30.98 -16.35
C LYS A 217 11.54 29.54 -15.81
N ILE A 218 10.69 28.72 -16.42
CA ILE A 218 10.46 27.37 -15.89
C ILE A 218 11.73 26.54 -15.94
N ASP A 219 12.61 26.78 -16.93
CA ASP A 219 13.82 25.98 -17.05
C ASP A 219 14.82 26.34 -15.95
N GLU A 220 15.01 27.64 -15.69
CA GLU A 220 15.87 28.03 -14.58
C GLU A 220 15.23 27.68 -13.25
N ALA A 221 13.89 27.68 -13.16
CA ALA A 221 13.21 27.30 -11.93
C ALA A 221 13.44 25.82 -11.63
N LEU A 222 13.35 24.96 -12.65
CA LEU A 222 13.54 23.54 -12.41
C LEU A 222 14.98 23.23 -12.01
N LYS A 223 15.96 23.83 -12.69
CA LYS A 223 17.35 23.58 -12.35
C LYS A 223 17.61 23.86 -10.88
N LEU A 224 16.99 24.92 -10.35
CA LEU A 224 17.15 25.22 -8.92
C LEU A 224 16.34 24.25 -8.06
N GLN A 225 15.16 23.84 -8.55
CA GLN A 225 14.39 22.83 -7.83
C GLN A 225 15.17 21.52 -7.71
N PHE A 226 15.90 21.16 -8.76
CA PHE A 226 16.66 19.90 -8.73
C PHE A 226 17.83 20.00 -7.76
N LEU A 227 18.47 21.17 -7.66
CA LEU A 227 19.43 21.41 -6.60
C LEU A 227 18.79 21.18 -5.23
N HIS A 228 17.70 21.90 -4.95
CA HIS A 228 17.03 21.76 -3.66
C HIS A 228 16.61 20.32 -3.41
N ASP A 229 16.11 19.64 -4.45
CA ASP A 229 15.72 18.24 -4.31
C ASP A 229 16.86 17.40 -3.76
N GLU A 230 18.09 17.65 -4.20
CA GLU A 230 19.23 16.86 -3.74
C GLU A 230 19.48 17.10 -2.25
N VAL A 231 19.42 18.35 -1.80
CA VAL A 231 19.56 18.65 -0.37
C VAL A 231 18.54 17.86 0.43
N ILE A 232 17.29 17.83 -0.06
CA ILE A 232 16.24 17.05 0.59
C ILE A 232 16.65 15.60 0.69
N GLU A 233 17.18 15.04 -0.41
CA GLU A 233 17.61 13.65 -0.41
C GLU A 233 18.73 13.41 0.60
N ALA A 234 19.72 14.30 0.62
CA ALA A 234 20.82 14.16 1.56
C ALA A 234 20.32 14.15 2.99
N SER A 235 19.32 14.97 3.31
CA SER A 235 18.80 15.05 4.67
C SER A 235 18.19 13.74 5.14
N ARG A 236 17.82 12.85 4.23
CA ARG A 236 17.20 11.59 4.61
C ARG A 236 18.20 10.54 5.07
N ILE A 237 19.45 10.63 4.61
CA ILE A 237 20.46 9.63 4.96
C ILE A 237 20.47 9.33 6.43
N PHE A 238 20.18 10.33 7.26
CA PHE A 238 20.35 10.23 8.70
C PHE A 238 19.08 10.45 9.50
N GLY A 239 17.98 10.82 8.85
CA GLY A 239 16.78 11.21 9.55
C GLY A 239 16.50 12.68 9.27
N SER A 240 15.66 12.94 8.27
CA SER A 240 15.47 14.31 7.82
C SER A 240 15.02 15.21 8.96
N LEU A 241 14.06 14.75 9.77
CA LEU A 241 13.62 15.55 10.91
C LEU A 241 14.80 15.95 11.78
N SER A 242 15.74 15.02 12.02
CA SER A 242 16.94 15.37 12.77
C SER A 242 17.89 16.21 11.93
N SER A 243 18.08 15.84 10.67
CA SER A 243 19.07 16.52 9.84
C SER A 243 18.77 18.00 9.68
N ASN A 244 17.49 18.39 9.75
CA ASN A 244 17.12 19.77 9.47
C ASN A 244 17.80 20.76 10.42
N TYR A 245 18.05 20.35 11.66
CA TYR A 245 18.78 21.22 12.58
C TYR A 245 20.19 21.48 12.08
N VAL A 246 20.94 20.41 11.78
CA VAL A 246 22.28 20.56 11.23
C VAL A 246 22.25 21.47 10.02
N LEU A 247 21.38 21.15 9.06
CA LEU A 247 21.37 21.87 7.79
C LEU A 247 21.09 23.36 7.97
N THR A 248 20.21 23.72 8.91
CA THR A 248 19.92 25.12 9.15
C THR A 248 21.15 25.83 9.71
N LYS A 249 21.76 25.23 10.74
CA LYS A 249 23.00 25.77 11.30
C LYS A 249 24.06 25.95 10.23
N TYR A 250 24.11 25.00 9.27
CA TYR A 250 25.12 25.07 8.22
C TYR A 250 24.80 26.18 7.23
N PHE A 251 23.57 26.23 6.73
CA PHE A 251 23.22 27.18 5.68
C PHE A 251 22.91 28.57 6.23
N GLN A 252 22.40 28.66 7.45
CA GLN A 252 21.99 29.94 8.00
C GLN A 252 22.91 30.46 9.10
N GLY A 253 23.72 29.59 9.71
CA GLY A 253 24.79 30.04 10.57
C GLY A 253 24.48 30.15 12.04
N TYR A 254 23.30 29.73 12.48
CA TYR A 254 22.95 29.72 13.89
C TYR A 254 22.40 28.36 14.25
N ASP A 255 22.69 27.89 15.46
CA ASP A 255 22.32 26.53 15.83
C ASP A 255 20.95 26.53 16.51
N LEU A 256 20.14 25.51 16.16
CA LEU A 256 18.79 25.38 16.67
C LEU A 256 18.68 24.33 17.76
N GLY A 257 19.79 24.00 18.42
CA GLY A 257 19.74 23.08 19.54
C GLY A 257 19.56 21.64 19.08
N TYR A 258 18.82 20.88 19.86
CA TYR A 258 18.57 19.47 19.59
C TYR A 258 17.10 19.23 19.30
N PRO A 259 16.77 18.19 18.55
CA PRO A 259 15.38 17.75 18.50
C PRO A 259 14.97 17.06 19.79
N ARG A 260 13.75 16.55 19.84
CA ARG A 260 13.27 15.85 21.03
C ARG A 260 13.35 14.35 20.80
N PRO A 261 14.15 13.61 21.57
CA PRO A 261 14.07 12.15 21.49
C PRO A 261 12.64 11.70 21.71
N PRO A 262 12.18 10.65 21.01
CA PRO A 262 12.96 9.73 20.15
C PRO A 262 13.34 10.28 18.78
N ILE A 263 13.14 11.57 18.51
CA ILE A 263 13.79 12.17 17.35
C ILE A 263 15.20 12.51 17.79
N PHE A 264 16.14 11.59 17.59
CA PHE A 264 17.48 11.75 18.14
C PHE A 264 18.29 12.75 17.29
N PRO A 265 19.12 13.57 17.93
CA PRO A 265 20.04 14.42 17.14
C PRO A 265 21.10 13.59 16.45
N LEU A 266 21.57 14.09 15.31
CA LEU A 266 22.77 13.53 14.71
C LEU A 266 23.95 13.73 15.67
N ASP A 267 24.88 12.79 15.66
CA ASP A 267 26.13 12.95 16.39
C ASP A 267 27.15 13.67 15.50
N ASP A 268 28.37 13.81 16.00
CA ASP A 268 29.35 14.63 15.31
C ASP A 268 29.83 13.98 14.02
N GLU A 269 29.91 12.64 13.97
CA GLU A 269 30.30 11.99 12.72
C GLU A 269 29.18 12.07 11.69
N GLU A 270 27.92 11.99 12.14
CA GLU A 270 26.79 12.17 11.24
C GLU A 270 26.74 13.60 10.71
N GLU A 271 26.95 14.58 11.59
CA GLU A 271 27.06 15.96 11.16
C GLU A 271 28.12 16.12 10.07
N ARG A 272 29.30 15.53 10.28
CA ARG A 272 30.37 15.63 9.30
C ARG A 272 29.94 15.06 7.96
N GLN A 273 29.47 13.80 7.94
CA GLN A 273 29.14 13.15 6.67
C GLN A 273 28.05 13.91 5.93
N LEU A 274 27.01 14.34 6.64
CA LEU A 274 25.92 15.08 5.99
C LEU A 274 26.45 16.36 5.34
N ILE A 275 27.28 17.12 6.06
CA ILE A 275 27.84 18.35 5.49
C ILE A 275 28.65 18.04 4.25
N LYS A 276 29.41 16.93 4.28
CA LYS A 276 30.19 16.54 3.10
C LYS A 276 29.29 16.26 1.90
N LYS A 277 28.08 15.75 2.15
CA LYS A 277 27.15 15.46 1.07
C LYS A 277 26.53 16.72 0.46
N VAL A 278 26.52 17.83 1.20
CA VAL A 278 25.90 19.06 0.73
C VAL A 278 26.90 20.19 0.52
N GLU A 279 28.17 19.99 0.88
CA GLU A 279 29.21 20.99 0.63
C GLU A 279 29.17 21.46 -0.82
N GLY A 280 29.12 20.51 -1.75
CA GLY A 280 29.12 20.87 -3.16
C GLY A 280 27.94 21.75 -3.53
N ILE A 281 26.76 21.43 -3.00
CA ILE A 281 25.58 22.24 -3.30
C ILE A 281 25.74 23.65 -2.73
N ARG A 282 26.17 23.76 -1.46
CA ARG A 282 26.39 25.08 -0.89
C ARG A 282 27.29 25.92 -1.79
N ALA A 283 28.22 25.27 -2.51
CA ALA A 283 29.11 26.01 -3.41
C ALA A 283 28.35 26.48 -4.65
N LYS A 284 27.58 25.58 -5.27
CA LYS A 284 26.81 25.96 -6.45
C LYS A 284 25.86 27.10 -6.14
N LEU A 285 25.28 27.12 -4.93
CA LEU A 285 24.33 28.16 -4.60
C LEU A 285 25.03 29.51 -4.39
N VAL A 286 26.23 29.51 -3.84
CA VAL A 286 26.99 30.76 -3.76
C VAL A 286 27.47 31.18 -5.14
N GLU A 287 27.70 30.21 -6.04
CA GLU A 287 28.09 30.53 -7.40
C GLU A 287 26.98 31.26 -8.14
N LEU A 288 25.74 30.81 -7.98
CA LEU A 288 24.58 31.45 -8.56
C LEU A 288 24.20 32.75 -7.84
N LYS A 289 25.01 33.19 -6.88
CA LYS A 289 24.74 34.40 -6.09
C LYS A 289 23.41 34.31 -5.34
N ILE A 290 22.93 33.10 -5.07
CA ILE A 290 21.73 32.94 -4.26
C ILE A 290 22.07 33.00 -2.78
N LEU A 291 23.21 32.43 -2.40
CA LEU A 291 23.76 32.56 -1.05
C LEU A 291 24.98 33.46 -1.07
N LYS A 292 25.22 34.13 0.05
CA LYS A 292 26.49 34.80 0.28
C LYS A 292 27.48 33.83 0.90
N GLU A 293 28.73 33.91 0.47
CA GLU A 293 29.79 33.06 1.02
C GLU A 293 29.92 33.30 2.53
N PRO B 1 -0.98 -21.72 25.40
CA PRO B 1 -1.08 -20.31 25.04
C PRO B 1 -1.84 -19.50 26.08
N GLU B 2 -1.85 -18.19 25.94
CA GLU B 2 -2.54 -17.31 26.88
C GLU B 2 -3.43 -16.34 26.13
N ILE B 3 -4.46 -15.85 26.83
CA ILE B 3 -5.27 -14.74 26.37
C ILE B 3 -4.90 -13.53 27.22
N ILE B 4 -4.44 -12.46 26.57
CA ILE B 4 -4.04 -11.23 27.24
C ILE B 4 -4.98 -10.13 26.79
N THR B 5 -5.65 -9.50 27.74
CA THR B 5 -6.60 -8.44 27.38
C THR B 5 -5.89 -7.10 27.28
N PRO B 6 -6.01 -6.39 26.14
CA PRO B 6 -5.65 -4.96 26.13
C PRO B 6 -6.79 -4.18 26.75
N ILE B 7 -6.66 -3.90 28.04
CA ILE B 7 -7.83 -3.51 28.83
C ILE B 7 -8.24 -2.09 28.49
N ILE B 8 -9.54 -1.88 28.31
CA ILE B 8 -10.07 -0.56 28.06
C ILE B 8 -9.69 0.39 29.19
N THR B 9 -9.57 1.67 28.87
CA THR B 9 -9.45 2.71 29.88
C THR B 9 -10.80 3.39 30.02
N PRO B 10 -11.54 3.17 31.10
CA PRO B 10 -12.83 3.88 31.25
C PRO B 10 -12.60 5.35 31.55
N PHE B 11 -13.38 6.21 30.89
CA PHE B 11 -13.35 7.63 31.16
C PHE B 11 -14.71 8.09 31.66
N THR B 12 -14.71 9.07 32.56
CA THR B 12 -15.94 9.68 33.00
C THR B 12 -16.42 10.70 31.96
N LYS B 13 -17.60 11.25 32.19
CA LYS B 13 -18.09 12.35 31.36
C LYS B 13 -17.16 13.57 31.43
N ASP B 14 -16.41 13.71 32.52
CA ASP B 14 -15.50 14.84 32.71
C ASP B 14 -14.11 14.58 32.15
N ASN B 15 -13.93 13.51 31.37
CA ASN B 15 -12.64 13.20 30.74
C ASN B 15 -11.60 12.76 31.75
N ARG B 16 -12.05 12.21 32.88
CA ARG B 16 -11.18 11.63 33.88
C ARG B 16 -11.19 10.11 33.75
N ILE B 17 -10.14 9.50 34.29
CA ILE B 17 -10.08 8.04 34.36
C ILE B 17 -10.92 7.59 35.56
N ASP B 18 -11.90 6.73 35.30
CA ASP B 18 -12.76 6.17 36.35
C ASP B 18 -12.06 4.93 36.89
N LYS B 19 -11.31 5.12 37.96
CA LYS B 19 -10.50 4.03 38.48
C LYS B 19 -11.35 2.88 38.99
N GLU B 20 -12.52 3.16 39.55
CA GLU B 20 -13.33 2.09 40.10
C GLU B 20 -13.96 1.24 39.01
N LYS B 21 -14.49 1.87 37.95
CA LYS B 21 -14.99 1.10 36.82
C LYS B 21 -13.87 0.25 36.23
N LEU B 22 -12.65 0.77 36.22
CA LEU B 22 -11.51 0.00 35.72
C LEU B 22 -11.27 -1.24 36.58
N LYS B 23 -11.10 -1.05 37.90
CA LYS B 23 -10.84 -2.17 38.79
C LYS B 23 -11.91 -3.25 38.65
N ILE B 24 -13.17 -2.84 38.61
CA ILE B 24 -14.26 -3.79 38.38
C ILE B 24 -13.98 -4.59 37.11
N HIS B 25 -13.67 -3.89 36.02
CA HIS B 25 -13.40 -4.54 34.74
C HIS B 25 -12.26 -5.53 34.85
N ALA B 26 -11.13 -5.10 35.41
CA ALA B 26 -10.00 -6.01 35.59
C ALA B 26 -10.40 -7.24 36.38
N GLU B 27 -11.06 -7.03 37.54
CA GLU B 27 -11.49 -8.14 38.39
C GLU B 27 -12.27 -9.17 37.59
N ASN B 28 -13.20 -8.71 36.76
CA ASN B 28 -14.04 -9.62 35.99
C ASN B 28 -13.23 -10.37 34.94
N LEU B 29 -12.38 -9.64 34.20
CA LEU B 29 -11.55 -10.28 33.19
C LEU B 29 -10.70 -11.38 33.81
N ILE B 30 -10.03 -11.08 34.93
CA ILE B 30 -9.23 -12.09 35.62
C ILE B 30 -10.08 -13.26 36.06
N ARG B 31 -11.26 -12.97 36.63
CA ARG B 31 -12.10 -14.03 37.16
C ARG B 31 -12.66 -14.94 36.07
N LYS B 32 -12.76 -14.45 34.84
CA LYS B 32 -13.25 -15.26 33.74
C LYS B 32 -12.11 -15.92 32.96
N GLY B 33 -10.92 -15.98 33.54
CA GLY B 33 -9.85 -16.80 33.00
C GLY B 33 -8.81 -16.09 32.17
N ILE B 34 -8.89 -14.76 32.02
CA ILE B 34 -7.85 -14.04 31.31
C ILE B 34 -6.53 -14.26 32.02
N ASP B 35 -5.46 -14.50 31.24
CA ASP B 35 -4.16 -14.81 31.81
C ASP B 35 -3.45 -13.58 32.33
N LYS B 36 -3.49 -12.48 31.57
CA LYS B 36 -2.77 -11.26 31.92
C LYS B 36 -3.51 -10.08 31.32
N LEU B 37 -3.11 -8.87 31.74
CA LEU B 37 -3.75 -7.65 31.30
C LEU B 37 -2.71 -6.68 30.74
N PHE B 38 -2.99 -6.15 29.54
CA PHE B 38 -2.10 -5.23 28.85
C PHE B 38 -2.65 -3.83 29.04
N VAL B 39 -1.95 -3.01 29.81
CA VAL B 39 -2.44 -1.71 30.26
C VAL B 39 -1.81 -0.61 29.42
N ASN B 40 -2.65 0.34 29.00
CA ASN B 40 -2.24 1.47 28.16
C ASN B 40 -1.94 1.03 26.73
N GLY B 41 -2.64 0.03 26.24
CA GLY B 41 -2.53 -0.38 24.86
C GLY B 41 -3.41 0.48 23.96
N THR B 42 -3.44 0.08 22.69
CA THR B 42 -4.30 0.76 21.73
C THR B 42 -5.76 0.73 22.18
N THR B 43 -6.21 -0.42 22.66
CA THR B 43 -7.61 -0.55 23.08
C THR B 43 -7.90 0.24 24.35
N GLY B 44 -6.87 0.63 25.10
CA GLY B 44 -7.04 1.53 26.23
C GLY B 44 -6.57 2.94 25.90
N LEU B 45 -6.54 3.27 24.60
CA LEU B 45 -6.22 4.62 24.13
C LEU B 45 -4.91 5.14 24.72
N GLY B 46 -3.88 4.29 24.73
CA GLY B 46 -2.60 4.63 25.28
C GLY B 46 -2.06 5.96 24.78
N PRO B 47 -1.88 6.08 23.45
CA PRO B 47 -1.34 7.33 22.90
C PRO B 47 -2.13 8.57 23.30
N SER B 48 -3.41 8.41 23.66
CA SER B 48 -4.22 9.53 24.15
C SER B 48 -3.97 9.84 25.61
N LEU B 49 -3.21 9.00 26.31
CA LEU B 49 -3.01 9.10 27.74
C LEU B 49 -1.70 9.80 28.06
N SER B 50 -1.72 10.64 29.08
CA SER B 50 -0.50 11.32 29.52
C SER B 50 0.36 10.35 30.32
N PRO B 51 1.62 10.71 30.60
CA PRO B 51 2.43 9.85 31.49
C PRO B 51 1.82 9.67 32.88
N GLU B 52 1.28 10.73 33.48
CA GLU B 52 0.61 10.57 34.76
C GLU B 52 -0.57 9.60 34.63
N GLU B 53 -1.31 9.69 33.52
CA GLU B 53 -2.50 8.87 33.36
C GLU B 53 -2.15 7.41 33.13
N LYS B 54 -1.10 7.13 32.37
CA LYS B 54 -0.64 5.75 32.20
C LYS B 54 -0.29 5.12 33.54
N LEU B 55 0.61 5.77 34.29
CA LEU B 55 0.93 5.34 35.65
C LEU B 55 -0.33 5.15 36.50
N GLU B 56 -1.31 6.03 36.33
CA GLU B 56 -2.57 5.88 37.05
C GLU B 56 -3.21 4.53 36.80
N ASN B 57 -3.31 4.14 35.52
CA ASN B 57 -3.91 2.86 35.16
C ASN B 57 -3.13 1.70 35.77
N LEU B 58 -1.80 1.80 35.82
CA LEU B 58 -1.02 0.75 36.45
C LEU B 58 -1.34 0.64 37.92
N LYS B 59 -1.28 1.76 38.65
CA LYS B 59 -1.69 1.77 40.06
C LYS B 59 -3.09 1.18 40.23
N ALA B 60 -4.01 1.52 39.31
CA ALA B 60 -5.38 1.07 39.43
C ALA B 60 -5.50 -0.44 39.27
N VAL B 61 -4.91 -0.99 38.21
CA VAL B 61 -5.06 -2.42 37.96
C VAL B 61 -4.21 -3.24 38.93
N TYR B 62 -3.08 -2.68 39.38
CA TYR B 62 -2.24 -3.38 40.35
C TYR B 62 -2.99 -3.69 41.63
N ASP B 63 -4.05 -2.92 41.93
CA ASP B 63 -4.90 -3.22 43.07
C ASP B 63 -5.66 -4.54 42.90
N VAL B 64 -5.82 -5.02 41.67
CA VAL B 64 -6.64 -6.18 41.38
C VAL B 64 -5.79 -7.40 41.05
N THR B 65 -4.76 -7.24 40.23
CA THR B 65 -3.86 -8.32 39.93
C THR B 65 -2.48 -7.75 39.65
N ASN B 66 -1.48 -8.62 39.74
CA ASN B 66 -0.11 -8.29 39.35
C ASN B 66 0.26 -8.86 37.99
N LYS B 67 -0.68 -9.52 37.31
CA LYS B 67 -0.43 -10.10 35.99
C LYS B 67 -0.64 -9.01 34.93
N ILE B 68 0.30 -8.07 34.90
CA ILE B 68 0.16 -6.86 34.11
C ILE B 68 1.41 -6.64 33.25
N ILE B 69 1.19 -6.39 31.96
CA ILE B 69 2.23 -5.83 31.09
C ILE B 69 1.89 -4.37 30.88
N PHE B 70 2.87 -3.50 31.10
CA PHE B 70 2.66 -2.06 31.33
C PHE B 70 3.29 -1.28 30.18
N GLN B 71 2.45 -0.82 29.26
CA GLN B 71 2.92 -0.03 28.11
C GLN B 71 3.29 1.37 28.59
N VAL B 72 4.36 1.92 28.01
CA VAL B 72 4.94 3.15 28.55
C VAL B 72 5.37 4.12 27.46
N GLY B 73 5.24 3.71 26.21
CA GLY B 73 5.85 4.46 25.12
C GLY B 73 5.21 5.82 24.88
N GLY B 74 5.88 6.59 24.02
CA GLY B 74 5.44 7.94 23.72
C GLY B 74 6.43 8.63 22.82
N LEU B 75 6.15 9.90 22.56
CA LEU B 75 7.02 10.73 21.73
C LEU B 75 7.96 11.60 22.54
N ASN B 76 7.94 11.48 23.86
CA ASN B 76 8.90 12.14 24.75
C ASN B 76 9.64 11.05 25.51
N LEU B 77 10.90 10.80 25.14
CA LEU B 77 11.63 9.64 25.64
C LEU B 77 11.88 9.74 27.14
N ASP B 78 12.03 10.95 27.69
CA ASP B 78 12.30 11.07 29.12
C ASP B 78 11.09 10.66 29.95
N ASP B 79 9.88 10.84 29.41
CA ASP B 79 8.69 10.36 30.09
C ASP B 79 8.61 8.83 30.06
N ALA B 80 8.98 8.22 28.93
CA ALA B 80 8.98 6.77 28.84
C ALA B 80 10.03 6.16 29.76
N ILE B 81 11.22 6.76 29.81
CA ILE B 81 12.24 6.30 30.76
C ILE B 81 11.68 6.32 32.16
N ARG B 82 11.01 7.40 32.53
CA ARG B 82 10.51 7.53 33.90
C ARG B 82 9.50 6.45 34.21
N LEU B 83 8.51 6.26 33.33
CA LEU B 83 7.52 5.22 33.55
C LEU B 83 8.18 3.85 33.68
N ALA B 84 9.09 3.54 32.75
CA ALA B 84 9.84 2.30 32.85
C ALA B 84 10.47 2.16 34.23
N LYS B 85 11.17 3.21 34.69
CA LYS B 85 11.82 3.16 35.99
C LYS B 85 10.81 2.97 37.12
N LEU B 86 9.74 3.78 37.12
CA LEU B 86 8.77 3.73 38.21
C LEU B 86 8.14 2.35 38.36
N SER B 87 8.11 1.54 37.31
CA SER B 87 7.52 0.21 37.42
C SER B 87 8.29 -0.70 38.37
N LYS B 88 9.47 -0.29 38.84
CA LYS B 88 10.25 -1.15 39.73
C LYS B 88 9.50 -1.47 41.00
N ASP B 89 8.68 -0.53 41.50
CA ASP B 89 7.95 -0.77 42.72
C ASP B 89 6.74 -1.70 42.52
N PHE B 90 6.53 -2.22 41.32
CA PHE B 90 5.40 -3.09 41.03
C PHE B 90 5.92 -4.44 40.57
N ASP B 91 5.35 -5.51 41.11
CA ASP B 91 5.77 -6.87 40.76
C ASP B 91 4.88 -7.40 39.63
N ILE B 92 5.21 -6.96 38.42
CA ILE B 92 4.36 -7.23 37.26
C ILE B 92 5.08 -8.14 36.27
N VAL B 93 4.40 -8.46 35.17
CA VAL B 93 4.98 -9.35 34.16
C VAL B 93 6.06 -8.63 33.35
N GLY B 94 5.83 -7.37 33.01
CA GLY B 94 6.83 -6.60 32.30
C GLY B 94 6.28 -5.28 31.82
N ILE B 95 7.14 -4.55 31.10
CA ILE B 95 6.71 -3.34 30.42
C ILE B 95 6.65 -3.61 28.92
N ALA B 96 6.26 -2.62 28.14
CA ALA B 96 6.16 -2.76 26.71
C ALA B 96 6.14 -1.37 26.09
N SER B 97 6.41 -1.32 24.79
CA SER B 97 6.33 -0.07 24.05
C SER B 97 6.05 -0.37 22.60
N TYR B 98 5.19 0.45 21.99
CA TYR B 98 5.16 0.50 20.55
C TYR B 98 6.37 1.28 20.03
N ALA B 99 6.59 1.21 18.73
CA ALA B 99 7.56 2.07 18.11
C ALA B 99 7.06 3.51 18.18
N PRO B 100 7.96 4.49 18.23
CA PRO B 100 7.51 5.90 18.17
C PRO B 100 6.65 6.10 16.92
N TYR B 101 5.48 6.68 17.12
CA TYR B 101 4.47 6.73 16.07
C TYR B 101 4.45 8.11 15.41
N TYR B 102 3.55 8.25 14.43
CA TYR B 102 3.30 9.46 13.68
C TYR B 102 4.40 9.76 12.66
N TYR B 103 5.64 9.92 13.12
CA TYR B 103 6.67 10.46 12.24
C TYR B 103 7.10 9.44 11.19
N PRO B 104 6.86 9.69 9.90
CA PRO B 104 7.19 8.69 8.89
C PRO B 104 8.70 8.54 8.68
N ARG B 105 9.04 7.42 8.08
CA ARG B 105 10.39 7.17 7.56
C ARG B 105 11.45 7.37 8.63
N MET B 106 11.25 6.72 9.77
CA MET B 106 12.26 6.74 10.81
C MET B 106 13.31 5.67 10.52
N SER B 107 14.53 5.93 10.97
CA SER B 107 15.67 5.10 10.61
C SER B 107 15.81 3.93 11.58
N GLU B 108 16.02 2.73 11.05
CA GLU B 108 16.26 1.57 11.89
C GLU B 108 17.25 1.90 13.01
N LYS B 109 18.33 2.60 12.68
CA LYS B 109 19.32 2.96 13.68
C LYS B 109 18.66 3.69 14.85
N HIS B 110 17.82 4.69 14.55
CA HIS B 110 17.17 5.45 15.60
C HIS B 110 16.10 4.62 16.31
N LEU B 111 15.39 3.76 15.56
CA LEU B 111 14.38 2.91 16.18
C LEU B 111 15.02 1.92 17.14
N VAL B 112 16.17 1.35 16.77
CA VAL B 112 16.87 0.45 17.66
C VAL B 112 17.31 1.18 18.93
N LYS B 113 17.80 2.41 18.78
CA LYS B 113 18.22 3.17 19.96
C LYS B 113 17.05 3.40 20.91
N TYR B 114 15.87 3.73 20.37
CA TYR B 114 14.71 3.95 21.22
C TYR B 114 14.45 2.76 22.12
N PHE B 115 14.51 1.55 21.58
CA PHE B 115 14.14 0.37 22.34
C PHE B 115 15.27 -0.09 23.25
N LYS B 116 16.51 -0.07 22.76
CA LYS B 116 17.65 -0.40 23.62
C LYS B 116 17.69 0.52 24.84
N THR B 117 17.29 1.79 24.67
CA THR B 117 17.27 2.69 25.81
C THR B 117 16.29 2.21 26.86
N LEU B 118 15.13 1.72 26.46
CA LEU B 118 14.16 1.23 27.43
C LEU B 118 14.67 -0.04 28.11
N CYS B 119 15.34 -0.91 27.35
CA CYS B 119 15.89 -2.13 27.94
C CYS B 119 16.96 -1.80 28.98
N GLU B 120 17.83 -0.82 28.69
CA GLU B 120 18.89 -0.46 29.62
C GLU B 120 18.34 0.08 30.93
N VAL B 121 17.17 0.72 30.91
CA VAL B 121 16.61 1.32 32.12
C VAL B 121 15.47 0.51 32.71
N SER B 122 15.04 -0.56 32.05
CA SER B 122 13.81 -1.25 32.48
C SER B 122 14.11 -2.15 33.68
N PRO B 123 13.31 -2.08 34.74
CA PRO B 123 13.48 -3.04 35.85
C PRO B 123 12.81 -4.38 35.62
N HIS B 124 12.06 -4.53 34.54
CA HIS B 124 11.27 -5.73 34.24
C HIS B 124 11.56 -6.19 32.82
N PRO B 125 11.05 -7.35 32.44
CA PRO B 125 11.14 -7.75 31.03
C PRO B 125 10.48 -6.70 30.14
N VAL B 126 10.98 -6.60 28.91
CA VAL B 126 10.46 -5.64 27.93
C VAL B 126 9.77 -6.41 26.81
N TYR B 127 8.59 -5.93 26.40
CA TYR B 127 7.81 -6.55 25.35
C TYR B 127 7.71 -5.59 24.17
N LEU B 128 8.01 -6.09 22.98
CA LEU B 128 7.85 -5.31 21.77
C LEU B 128 6.37 -5.28 21.39
N TYR B 129 5.78 -4.10 21.42
CA TYR B 129 4.42 -3.89 20.94
C TYR B 129 4.54 -3.45 19.49
N ASN B 130 4.37 -4.40 18.56
CA ASN B 130 4.56 -4.13 17.14
C ASN B 130 3.20 -3.92 16.49
N TYR B 131 2.94 -2.71 16.03
CA TYR B 131 1.67 -2.34 15.41
C TYR B 131 1.97 -1.42 14.24
N PRO B 132 2.28 -1.98 13.07
CA PRO B 132 2.79 -1.14 11.98
C PRO B 132 1.76 -0.18 11.40
N THR B 133 0.48 -0.56 11.35
CA THR B 133 -0.51 0.32 10.77
C THR B 133 -0.71 1.57 11.62
N ALA B 134 -0.51 1.46 12.93
CA ALA B 134 -0.73 2.59 13.84
C ALA B 134 0.51 3.44 14.01
N THR B 135 1.69 2.81 14.16
CA THR B 135 2.91 3.55 14.42
C THR B 135 3.55 4.08 13.16
N GLY B 136 3.30 3.45 12.02
CA GLY B 136 3.86 3.88 10.76
C GLY B 136 5.16 3.22 10.39
N LYS B 137 5.64 2.28 11.19
CA LYS B 137 6.86 1.53 10.90
C LYS B 137 6.73 0.15 11.51
N ASP B 138 7.71 -0.70 11.22
CA ASP B 138 7.63 -2.12 11.52
C ASP B 138 8.93 -2.56 12.18
N ILE B 139 8.81 -3.19 13.34
CA ILE B 139 9.96 -3.75 14.05
C ILE B 139 9.90 -5.26 13.87
N ASP B 140 10.24 -5.74 12.67
CA ASP B 140 10.04 -7.14 12.33
C ASP B 140 11.00 -8.01 13.11
N ALA B 141 10.96 -9.31 12.84
CA ALA B 141 11.79 -10.26 13.57
C ALA B 141 13.27 -9.91 13.47
N LYS B 142 13.74 -9.48 12.29
CA LYS B 142 15.15 -9.15 12.11
C LYS B 142 15.58 -8.00 13.01
N VAL B 143 14.76 -6.94 13.09
CA VAL B 143 15.11 -5.80 13.92
C VAL B 143 14.94 -6.14 15.39
N ALA B 144 14.01 -7.02 15.73
CA ALA B 144 13.86 -7.46 17.12
C ALA B 144 15.08 -8.25 17.57
N LYS B 145 15.56 -9.17 16.72
CA LYS B 145 16.78 -9.90 17.03
C LYS B 145 17.96 -8.96 17.24
N GLU B 146 18.07 -7.95 16.36
CA GLU B 146 19.16 -6.98 16.48
C GLU B 146 19.06 -6.20 17.78
N ILE B 147 17.86 -5.72 18.12
CA ILE B 147 17.70 -4.99 19.38
C ILE B 147 18.13 -5.87 20.54
N GLY B 148 17.72 -7.14 20.52
CA GLY B 148 18.34 -8.15 21.36
C GLY B 148 17.86 -8.27 22.79
N CYS B 149 16.80 -7.54 23.18
CA CYS B 149 16.44 -7.51 24.60
C CYS B 149 14.93 -7.65 24.84
N PHE B 150 14.17 -8.14 23.88
CA PHE B 150 12.74 -8.35 24.06
C PHE B 150 12.48 -9.74 24.63
N THR B 151 11.65 -9.81 25.67
CA THR B 151 11.21 -11.10 26.18
C THR B 151 10.03 -11.63 25.38
N GLY B 152 9.24 -10.74 24.78
CA GLY B 152 8.12 -11.16 23.96
C GLY B 152 7.71 -10.05 23.03
N VAL B 153 6.72 -10.36 22.19
CA VAL B 153 6.23 -9.40 21.21
C VAL B 153 4.73 -9.53 21.06
N LYS B 154 4.06 -8.39 20.97
CA LYS B 154 2.66 -8.34 20.55
C LYS B 154 2.67 -7.85 19.11
N ASP B 155 2.24 -8.70 18.19
CA ASP B 155 2.33 -8.41 16.76
C ASP B 155 0.92 -8.18 16.19
N VAL B 156 0.55 -6.91 16.05
CA VAL B 156 -0.75 -6.54 15.49
C VAL B 156 -0.57 -6.42 13.98
N ILE B 157 -0.84 -7.52 13.28
CA ILE B 157 -0.68 -7.54 11.83
C ILE B 157 -1.56 -8.65 11.26
N GLU B 158 -2.11 -8.39 10.07
CA GLU B 158 -2.92 -9.39 9.39
C GLU B 158 -2.11 -10.60 8.95
N ASN B 159 -0.78 -10.48 8.94
CA ASN B 159 0.11 -11.43 8.29
C ASN B 159 0.71 -12.36 9.35
N ILE B 160 0.26 -13.61 9.38
CA ILE B 160 0.76 -14.52 10.42
C ILE B 160 2.15 -15.07 10.10
N ILE B 161 2.55 -15.10 8.82
CA ILE B 161 3.94 -15.36 8.49
C ILE B 161 4.84 -14.41 9.28
N HIS B 162 4.55 -13.11 9.17
CA HIS B 162 5.29 -12.09 9.90
C HIS B 162 5.40 -12.44 11.38
N THR B 163 4.33 -12.99 11.95
CA THR B 163 4.35 -13.31 13.38
C THR B 163 5.23 -14.52 13.67
N LEU B 164 5.10 -15.58 12.87
CA LEU B 164 5.94 -16.76 13.02
C LEU B 164 7.42 -16.43 12.94
N ASP B 165 7.79 -15.44 12.12
CA ASP B 165 9.20 -15.10 11.94
C ASP B 165 9.86 -14.78 13.28
N TYR B 166 9.13 -14.15 14.20
CA TYR B 166 9.70 -13.87 15.51
C TYR B 166 10.14 -15.16 16.19
N LYS B 167 9.37 -16.23 16.05
CA LYS B 167 9.78 -17.52 16.60
C LYS B 167 11.00 -18.06 15.86
N ARG B 168 10.96 -18.00 14.54
CA ARG B 168 12.07 -18.51 13.73
C ARG B 168 13.39 -17.83 14.11
N LEU B 169 13.38 -16.49 14.22
CA LEU B 169 14.61 -15.76 14.51
C LEU B 169 14.86 -15.52 16.00
N ASN B 170 13.83 -15.71 16.85
CA ASN B 170 13.96 -15.48 18.30
C ASN B 170 13.29 -16.64 19.03
N PRO B 171 13.90 -17.83 19.00
CA PRO B 171 13.24 -19.01 19.57
C PRO B 171 12.84 -18.87 21.03
N ASN B 172 13.54 -18.05 21.81
CA ASN B 172 13.22 -17.91 23.22
C ASN B 172 12.15 -16.86 23.50
N MET B 173 11.74 -16.11 22.47
CA MET B 173 10.85 -14.97 22.66
C MET B 173 9.39 -15.39 22.71
N LEU B 174 8.64 -14.78 23.63
CA LEU B 174 7.19 -14.99 23.71
C LEU B 174 6.51 -14.24 22.56
N VAL B 175 5.75 -14.96 21.75
CA VAL B 175 5.21 -14.40 20.52
C VAL B 175 3.69 -14.46 20.59
N TYR B 176 3.06 -13.29 20.73
CA TYR B 176 1.61 -13.17 20.72
C TYR B 176 1.16 -12.50 19.43
N SER B 177 -0.03 -12.86 18.97
CA SER B 177 -0.70 -12.15 17.91
C SER B 177 -1.72 -11.19 18.51
N GLY B 178 -1.94 -10.07 17.82
CA GLY B 178 -2.90 -9.08 18.26
C GLY B 178 -4.16 -9.09 17.42
N SER B 179 -4.49 -10.24 16.84
CA SER B 179 -5.62 -10.36 15.93
C SER B 179 -6.67 -11.29 16.52
N ASP B 180 -7.75 -10.71 17.02
CA ASP B 180 -8.84 -11.50 17.57
C ASP B 180 -9.22 -12.65 16.65
N MET B 181 -9.28 -12.38 15.35
CA MET B 181 -9.80 -13.37 14.41
C MET B 181 -8.90 -14.58 14.20
N LEU B 182 -7.79 -14.69 14.96
CA LEU B 182 -6.81 -15.75 14.79
C LEU B 182 -6.52 -16.47 16.10
N ILE B 183 -7.44 -16.42 17.06
CA ILE B 183 -7.18 -17.05 18.35
C ILE B 183 -7.07 -18.56 18.20
N ALA B 184 -8.02 -19.17 17.49
CA ALA B 184 -7.94 -20.61 17.27
C ALA B 184 -6.67 -20.97 16.53
N THR B 185 -6.30 -20.19 15.50
CA THR B 185 -5.14 -20.51 14.69
C THR B 185 -3.85 -20.37 15.47
N VAL B 186 -3.67 -19.21 16.13
CA VAL B 186 -2.51 -18.98 16.98
C VAL B 186 -2.29 -20.17 17.93
N ALA B 187 -3.36 -20.55 18.63
CA ALA B 187 -3.25 -21.64 19.59
C ALA B 187 -2.90 -22.95 18.90
N SER B 188 -3.50 -23.20 17.74
CA SER B 188 -3.32 -24.47 17.05
C SER B 188 -1.97 -24.59 16.38
N THR B 189 -1.24 -23.49 16.18
CA THR B 189 -0.01 -23.52 15.39
C THR B 189 1.25 -23.34 16.23
N GLY B 190 1.16 -23.40 17.56
CA GLY B 190 2.33 -23.39 18.40
C GLY B 190 2.79 -22.02 18.87
N LEU B 191 2.01 -20.97 18.62
CA LEU B 191 2.34 -19.66 19.13
C LEU B 191 1.85 -19.51 20.57
N ASP B 192 2.33 -18.45 21.23
CA ASP B 192 2.17 -18.31 22.67
C ASP B 192 0.85 -17.69 23.10
N GLY B 193 0.07 -17.12 22.19
CA GLY B 193 -1.25 -16.66 22.55
C GLY B 193 -1.64 -15.40 21.78
N ASN B 194 -2.73 -14.79 22.24
CA ASN B 194 -3.33 -13.63 21.59
C ASN B 194 -3.49 -12.49 22.58
N VAL B 195 -3.22 -11.27 22.11
CA VAL B 195 -3.64 -10.05 22.80
C VAL B 195 -4.90 -9.59 22.09
N ALA B 196 -6.05 -9.80 22.74
CA ALA B 196 -7.35 -9.78 22.09
C ALA B 196 -8.22 -8.70 22.71
N LEU B 197 -8.46 -7.61 21.97
CA LEU B 197 -9.35 -6.56 22.46
C LEU B 197 -10.74 -7.10 22.72
N GLY B 198 -11.19 -8.07 21.93
CA GLY B 198 -12.51 -8.65 22.12
C GLY B 198 -12.66 -9.44 23.40
N SER B 199 -11.56 -9.73 24.09
CA SER B 199 -11.65 -10.30 25.42
C SER B 199 -12.08 -9.28 26.45
N ASN B 200 -12.14 -7.99 26.08
CA ASN B 200 -12.76 -7.00 26.96
C ASN B 200 -14.23 -7.26 27.15
N TYR B 201 -14.94 -7.59 26.05
CA TYR B 201 -16.39 -7.76 26.10
C TYR B 201 -16.86 -9.21 26.02
N LEU B 202 -16.00 -10.14 25.62
CA LEU B 202 -16.37 -11.56 25.58
C LEU B 202 -15.15 -12.41 25.93
N PRO B 203 -14.65 -12.28 27.16
CA PRO B 203 -13.57 -13.18 27.61
C PRO B 203 -14.02 -14.63 27.66
N GLU B 204 -15.31 -14.89 27.90
CA GLU B 204 -15.84 -16.25 27.82
C GLU B 204 -15.52 -16.86 26.46
N VAL B 205 -15.83 -16.13 25.39
CA VAL B 205 -15.60 -16.63 24.04
C VAL B 205 -14.11 -16.86 23.79
N THR B 206 -13.31 -15.82 24.03
CA THR B 206 -11.88 -15.91 23.69
C THR B 206 -11.21 -17.06 24.43
N VAL B 207 -11.56 -17.28 25.70
CA VAL B 207 -10.93 -18.35 26.47
C VAL B 207 -11.38 -19.72 25.95
N THR B 208 -12.65 -19.84 25.57
CA THR B 208 -13.15 -21.12 25.08
C THR B 208 -12.56 -21.47 23.71
N ILE B 209 -12.38 -20.47 22.84
CA ILE B 209 -11.71 -20.72 21.57
C ILE B 209 -10.31 -21.26 21.82
N LYS B 210 -9.56 -20.63 22.72
CA LYS B 210 -8.23 -21.10 23.08
C LYS B 210 -8.28 -22.54 23.58
N LYS B 211 -9.13 -22.79 24.58
CA LYS B 211 -9.21 -24.13 25.16
C LYS B 211 -9.59 -25.17 24.12
N LEU B 212 -10.58 -24.88 23.28
CA LEU B 212 -10.98 -25.82 22.24
C LEU B 212 -9.81 -26.15 21.32
N ALA B 213 -9.03 -25.14 20.94
CA ALA B 213 -7.88 -25.38 20.09
C ALA B 213 -6.81 -26.20 20.82
N MET B 214 -6.55 -25.88 22.09
CA MET B 214 -5.60 -26.66 22.87
C MET B 214 -6.00 -28.13 22.90
N GLU B 215 -7.31 -28.41 23.00
CA GLU B 215 -7.81 -29.78 22.92
C GLU B 215 -7.90 -30.31 21.50
N ARG B 216 -7.38 -29.55 20.52
CA ARG B 216 -7.39 -29.97 19.12
C ARG B 216 -8.80 -30.33 18.65
N LYS B 217 -9.79 -29.65 19.22
CA LYS B 217 -11.18 -29.71 18.76
C LYS B 217 -11.38 -28.59 17.74
N ILE B 218 -10.87 -28.83 16.53
CA ILE B 218 -10.58 -27.73 15.62
C ILE B 218 -11.87 -27.17 15.02
N ASP B 219 -12.74 -28.02 14.48
CA ASP B 219 -13.93 -27.49 13.82
C ASP B 219 -14.84 -26.76 14.80
N GLU B 220 -14.89 -27.21 16.06
CA GLU B 220 -15.70 -26.51 17.05
C GLU B 220 -15.02 -25.23 17.52
N ALA B 221 -13.68 -25.20 17.47
CA ALA B 221 -12.95 -23.96 17.77
C ALA B 221 -13.20 -22.91 16.70
N LEU B 222 -13.24 -23.35 15.44
CA LEU B 222 -13.57 -22.43 14.35
C LEU B 222 -15.01 -21.93 14.46
N LYS B 223 -15.95 -22.83 14.76
CA LYS B 223 -17.34 -22.43 14.94
C LYS B 223 -17.44 -21.22 15.85
N LEU B 224 -16.74 -21.27 16.99
CA LEU B 224 -16.80 -20.16 17.93
C LEU B 224 -15.99 -18.97 17.45
N GLN B 225 -14.88 -19.23 16.75
CA GLN B 225 -14.08 -18.12 16.23
C GLN B 225 -14.87 -17.31 15.22
N PHE B 226 -15.68 -17.97 14.39
CA PHE B 226 -16.41 -17.27 13.34
C PHE B 226 -17.53 -16.41 13.89
N LEU B 227 -18.18 -16.84 14.98
CA LEU B 227 -19.13 -15.96 15.66
C LEU B 227 -18.40 -14.72 16.18
N HIS B 228 -17.24 -14.93 16.81
CA HIS B 228 -16.46 -13.82 17.32
C HIS B 228 -16.08 -12.85 16.20
N ASP B 229 -15.73 -13.40 15.02
CA ASP B 229 -15.45 -12.55 13.87
C ASP B 229 -16.64 -11.65 13.55
N GLU B 230 -17.87 -12.18 13.70
CA GLU B 230 -19.06 -11.39 13.42
C GLU B 230 -19.23 -10.26 14.43
N VAL B 231 -18.87 -10.48 15.69
CA VAL B 231 -18.90 -9.40 16.68
C VAL B 231 -17.86 -8.34 16.31
N ILE B 232 -16.65 -8.79 15.96
CA ILE B 232 -15.60 -7.86 15.51
C ILE B 232 -16.13 -7.02 14.35
N GLU B 233 -16.78 -7.67 13.38
CA GLU B 233 -17.32 -6.96 12.23
C GLU B 233 -18.42 -5.99 12.63
N ALA B 234 -19.29 -6.40 13.56
CA ALA B 234 -20.31 -5.47 14.05
C ALA B 234 -19.66 -4.25 14.69
N SER B 235 -18.60 -4.45 15.47
CA SER B 235 -17.99 -3.33 16.18
C SER B 235 -17.44 -2.27 15.24
N ARG B 236 -17.15 -2.62 13.99
CA ARG B 236 -16.52 -1.69 13.07
C ARG B 236 -17.50 -0.70 12.44
N ILE B 237 -18.80 -0.95 12.54
CA ILE B 237 -19.78 -0.11 11.87
C ILE B 237 -19.67 1.34 12.36
N PHE B 238 -19.49 1.53 13.66
CA PHE B 238 -19.45 2.87 14.25
C PHE B 238 -18.11 3.23 14.86
N GLY B 239 -17.08 2.42 14.65
CA GLY B 239 -15.81 2.62 15.31
C GLY B 239 -15.55 1.56 16.36
N SER B 240 -14.57 0.69 16.13
CA SER B 240 -14.37 -0.45 17.00
C SER B 240 -13.98 -0.01 18.41
N LEU B 241 -13.10 0.98 18.53
CA LEU B 241 -12.60 1.36 19.84
C LEU B 241 -13.70 1.93 20.73
N SER B 242 -14.68 2.63 20.15
CA SER B 242 -15.80 3.14 20.92
C SER B 242 -16.84 2.05 21.16
N SER B 243 -17.08 1.20 20.16
CA SER B 243 -18.04 0.12 20.32
C SER B 243 -17.65 -0.82 21.45
N ASN B 244 -16.37 -0.92 21.77
CA ASN B 244 -15.95 -1.80 22.86
C ASN B 244 -16.61 -1.42 24.18
N TYR B 245 -16.91 -0.13 24.38
CA TYR B 245 -17.59 0.27 25.59
C TYR B 245 -19.02 -0.25 25.63
N VAL B 246 -19.72 -0.14 24.50
CA VAL B 246 -21.10 -0.62 24.43
C VAL B 246 -21.15 -2.14 24.52
N LEU B 247 -20.26 -2.83 23.78
CA LEU B 247 -20.28 -4.29 23.76
C LEU B 247 -19.93 -4.88 25.11
N THR B 248 -19.01 -4.24 25.85
CA THR B 248 -18.60 -4.78 27.14
C THR B 248 -19.71 -4.65 28.17
N LYS B 249 -20.44 -3.54 28.14
CA LYS B 249 -21.59 -3.39 29.03
C LYS B 249 -22.68 -4.39 28.66
N TYR B 250 -22.95 -4.55 27.37
CA TYR B 250 -23.99 -5.48 26.94
C TYR B 250 -23.68 -6.89 27.40
N PHE B 251 -22.52 -7.42 27.02
CA PHE B 251 -22.22 -8.83 27.29
C PHE B 251 -21.80 -9.08 28.75
N GLN B 252 -21.09 -8.14 29.38
CA GLN B 252 -20.61 -8.34 30.74
C GLN B 252 -21.47 -7.67 31.80
N GLY B 253 -22.27 -6.68 31.43
CA GLY B 253 -23.32 -6.19 32.31
C GLY B 253 -23.00 -4.97 33.15
N TYR B 254 -21.76 -4.48 33.11
CA TYR B 254 -21.39 -3.27 33.85
C TYR B 254 -20.95 -2.21 32.85
N ASP B 255 -21.23 -0.95 33.19
CA ASP B 255 -20.99 0.18 32.31
C ASP B 255 -19.59 0.73 32.52
N LEU B 256 -18.89 1.00 31.40
CA LEU B 256 -17.49 1.41 31.43
C LEU B 256 -17.30 2.87 31.02
N GLY B 257 -18.33 3.70 31.11
CA GLY B 257 -18.15 5.10 30.79
C GLY B 257 -17.91 5.29 29.30
N TYR B 258 -17.01 6.21 28.99
CA TYR B 258 -16.81 6.70 27.63
C TYR B 258 -15.35 6.62 27.21
N PRO B 259 -15.08 6.62 25.92
CA PRO B 259 -13.71 6.83 25.43
C PRO B 259 -13.36 8.32 25.45
N ARG B 260 -12.11 8.62 25.07
CA ARG B 260 -11.64 9.99 25.05
C ARG B 260 -11.78 10.57 23.66
N PRO B 261 -12.62 11.59 23.45
CA PRO B 261 -12.62 12.28 22.15
C PRO B 261 -11.23 12.75 21.79
N PRO B 262 -10.85 12.75 20.50
CA PRO B 262 -11.64 12.50 19.29
C PRO B 262 -11.99 11.04 19.00
N ILE B 263 -11.82 10.16 19.98
CA ILE B 263 -12.45 8.84 19.94
C ILE B 263 -13.82 9.02 20.55
N PHE B 264 -14.78 9.44 19.72
CA PHE B 264 -16.09 9.81 20.22
C PHE B 264 -16.85 8.57 20.67
N PRO B 265 -17.63 8.67 21.75
CA PRO B 265 -18.53 7.56 22.11
C PRO B 265 -19.65 7.42 21.09
N LEU B 266 -20.21 6.22 21.03
CA LEU B 266 -21.45 6.04 20.29
C LEU B 266 -22.56 6.78 21.01
N ASP B 267 -23.48 7.36 20.24
CA ASP B 267 -24.68 7.93 20.84
C ASP B 267 -25.67 6.80 21.08
N ASP B 268 -26.81 7.14 21.70
CA ASP B 268 -27.73 6.09 22.15
C ASP B 268 -28.34 5.35 20.96
N GLU B 269 -28.72 6.06 19.90
CA GLU B 269 -29.22 5.39 18.70
C GLU B 269 -28.18 4.40 18.17
N GLU B 270 -26.94 4.86 17.97
CA GLU B 270 -25.89 3.98 17.49
C GLU B 270 -25.71 2.78 18.41
N GLU B 271 -25.68 3.04 19.71
CA GLU B 271 -25.57 1.96 20.69
C GLU B 271 -26.67 0.92 20.49
N ARG B 272 -27.90 1.38 20.26
CA ARG B 272 -29.01 0.44 20.08
C ARG B 272 -28.88 -0.31 18.75
N GLN B 273 -28.40 0.38 17.71
CA GLN B 273 -28.25 -0.26 16.41
C GLN B 273 -27.15 -1.32 16.43
N LEU B 274 -26.07 -1.06 17.17
CA LEU B 274 -25.01 -2.05 17.31
C LEU B 274 -25.50 -3.27 18.09
N ILE B 275 -26.36 -3.04 19.10
CA ILE B 275 -26.87 -4.14 19.90
C ILE B 275 -27.86 -4.98 19.11
N LYS B 276 -28.63 -4.34 18.22
CA LYS B 276 -29.51 -5.08 17.34
C LYS B 276 -28.71 -6.03 16.45
N LYS B 277 -27.48 -5.65 16.08
CA LYS B 277 -26.65 -6.47 15.22
C LYS B 277 -26.06 -7.68 15.94
N VAL B 278 -26.01 -7.66 17.27
CA VAL B 278 -25.37 -8.72 18.03
C VAL B 278 -26.34 -9.48 18.92
N GLU B 279 -27.63 -9.11 18.94
CA GLU B 279 -28.62 -9.90 19.65
C GLU B 279 -28.59 -11.36 19.19
N GLY B 280 -28.47 -11.58 17.89
CA GLY B 280 -28.41 -12.92 17.36
C GLY B 280 -27.23 -13.71 17.89
N ILE B 281 -26.02 -13.18 17.71
CA ILE B 281 -24.82 -13.82 18.23
C ILE B 281 -25.02 -14.18 19.69
N ARG B 282 -25.39 -13.20 20.51
CA ARG B 282 -25.57 -13.43 21.93
C ARG B 282 -26.54 -14.57 22.19
N ALA B 283 -27.61 -14.66 21.40
CA ALA B 283 -28.57 -15.75 21.56
C ALA B 283 -27.88 -17.10 21.37
N LYS B 284 -27.18 -17.25 20.24
CA LYS B 284 -26.43 -18.48 20.00
C LYS B 284 -25.43 -18.75 21.11
N LEU B 285 -24.78 -17.70 21.63
CA LEU B 285 -23.81 -17.88 22.69
C LEU B 285 -24.46 -18.37 23.98
N VAL B 286 -25.73 -18.02 24.20
CA VAL B 286 -26.45 -18.57 25.34
C VAL B 286 -26.81 -20.02 25.09
N GLU B 287 -27.33 -20.31 23.90
CA GLU B 287 -27.67 -21.68 23.52
C GLU B 287 -26.46 -22.60 23.71
N LEU B 288 -25.30 -22.19 23.17
CA LEU B 288 -24.08 -22.97 23.35
C LEU B 288 -23.56 -22.95 24.77
N LYS B 289 -24.19 -22.20 25.67
CA LYS B 289 -23.86 -22.19 27.10
C LYS B 289 -22.48 -21.60 27.38
N ILE B 290 -22.00 -20.73 26.50
CA ILE B 290 -20.79 -19.97 26.80
C ILE B 290 -21.11 -18.69 27.57
N LEU B 291 -22.29 -18.12 27.35
CA LEU B 291 -22.80 -16.99 28.10
C LEU B 291 -24.02 -17.39 28.91
N LYS B 292 -24.22 -16.74 30.04
CA LYS B 292 -25.35 -17.01 30.90
C LYS B 292 -26.59 -16.26 30.44
N GLU B 293 -27.75 -16.90 30.58
CA GLU B 293 -29.04 -16.23 30.57
C GLU B 293 -29.35 -15.47 29.28
N PRO C 1 -6.05 -32.53 4.86
CA PRO C 1 -5.65 -31.53 3.85
C PRO C 1 -4.53 -32.05 2.97
N GLU C 2 -4.20 -31.27 1.94
CA GLU C 2 -3.38 -31.76 0.84
C GLU C 2 -2.24 -30.81 0.53
N ILE C 3 -1.15 -31.38 0.04
CA ILE C 3 -0.11 -30.61 -0.65
C ILE C 3 -0.42 -30.66 -2.14
N ILE C 4 -0.58 -29.49 -2.74
CA ILE C 4 -0.80 -29.35 -4.17
C ILE C 4 0.38 -28.57 -4.74
N THR C 5 1.03 -29.12 -5.76
CA THR C 5 2.21 -28.49 -6.34
C THR C 5 1.82 -27.64 -7.54
N PRO C 6 2.12 -26.34 -7.55
CA PRO C 6 1.98 -25.58 -8.80
C PRO C 6 3.20 -25.86 -9.66
N ILE C 7 3.04 -26.80 -10.60
CA ILE C 7 4.19 -27.45 -11.21
C ILE C 7 4.88 -26.51 -12.20
N ILE C 8 6.21 -26.49 -12.12
CA ILE C 8 7.02 -25.72 -13.04
C ILE C 8 6.78 -26.19 -14.47
N THR C 9 6.97 -25.26 -15.41
CA THR C 9 6.98 -25.58 -16.83
C THR C 9 8.42 -25.57 -17.32
N PRO C 10 9.02 -26.70 -17.71
CA PRO C 10 10.38 -26.66 -18.23
C PRO C 10 10.41 -26.28 -19.71
N PHE C 11 11.38 -25.44 -20.07
CA PHE C 11 11.56 -24.98 -21.44
C PHE C 11 12.90 -25.46 -21.99
N THR C 12 12.92 -25.69 -23.30
CA THR C 12 14.16 -26.08 -23.97
C THR C 12 14.96 -24.83 -24.32
N LYS C 13 16.16 -25.05 -24.88
CA LYS C 13 16.94 -23.97 -25.43
C LYS C 13 16.16 -23.19 -26.48
N ASP C 14 15.27 -23.86 -27.21
CA ASP C 14 14.49 -23.25 -28.28
C ASP C 14 13.18 -22.62 -27.79
N ASN C 15 13.01 -22.47 -26.47
CA ASN C 15 11.86 -21.79 -25.89
C ASN C 15 10.56 -22.54 -26.10
N ARG C 16 10.62 -23.86 -26.20
CA ARG C 16 9.45 -24.71 -26.31
C ARG C 16 9.32 -25.56 -25.05
N ILE C 17 8.10 -26.00 -24.76
CA ILE C 17 7.89 -26.82 -23.58
C ILE C 17 8.65 -28.13 -23.76
N ASP C 18 9.35 -28.56 -22.70
CA ASP C 18 10.05 -29.83 -22.67
C ASP C 18 9.10 -30.85 -22.07
N LYS C 19 8.32 -31.50 -22.94
CA LYS C 19 7.29 -32.43 -22.50
C LYS C 19 7.87 -33.56 -21.65
N GLU C 20 9.05 -34.07 -22.03
CA GLU C 20 9.58 -35.23 -21.34
C GLU C 20 10.10 -34.86 -19.96
N LYS C 21 10.77 -33.72 -19.82
CA LYS C 21 11.20 -33.28 -18.49
C LYS C 21 10.00 -32.98 -17.61
N LEU C 22 8.90 -32.49 -18.21
CA LEU C 22 7.69 -32.25 -17.43
C LEU C 22 7.14 -33.54 -16.86
N LYS C 23 6.98 -34.57 -17.69
CA LYS C 23 6.50 -35.86 -17.20
C LYS C 23 7.43 -36.43 -16.14
N ILE C 24 8.75 -36.37 -16.35
CA ILE C 24 9.69 -36.85 -15.34
C ILE C 24 9.44 -36.15 -14.01
N HIS C 25 9.33 -34.82 -14.05
CA HIS C 25 9.11 -34.04 -12.84
C HIS C 25 7.79 -34.39 -12.18
N ALA C 26 6.74 -34.63 -12.99
CA ALA C 26 5.42 -34.92 -12.43
C ALA C 26 5.40 -36.26 -11.71
N GLU C 27 5.97 -37.30 -12.33
CA GLU C 27 6.13 -38.59 -11.67
C GLU C 27 6.68 -38.43 -10.26
N ASN C 28 7.86 -37.80 -10.15
CA ASN C 28 8.56 -37.74 -8.88
C ASN C 28 7.69 -37.08 -7.82
N LEU C 29 6.97 -36.03 -8.20
CA LEU C 29 6.11 -35.34 -7.24
C LEU C 29 5.00 -36.26 -6.73
N ILE C 30 4.43 -37.09 -7.61
CA ILE C 30 3.39 -38.01 -7.16
C ILE C 30 4.00 -39.09 -6.28
N ARG C 31 5.16 -39.62 -6.69
CA ARG C 31 5.82 -40.69 -5.96
C ARG C 31 6.34 -40.25 -4.60
N LYS C 32 6.55 -38.94 -4.40
CA LYS C 32 7.00 -38.43 -3.12
C LYS C 32 5.87 -37.92 -2.25
N GLY C 33 4.62 -38.09 -2.69
CA GLY C 33 3.45 -37.88 -1.85
C GLY C 33 2.53 -36.76 -2.25
N ILE C 34 2.87 -35.94 -3.25
CA ILE C 34 2.03 -34.81 -3.61
C ILE C 34 0.66 -35.31 -4.05
N ASP C 35 -0.38 -34.63 -3.56
CA ASP C 35 -1.76 -35.08 -3.77
C ASP C 35 -2.27 -34.72 -5.17
N LYS C 36 -2.08 -33.48 -5.59
CA LYS C 36 -2.53 -33.04 -6.90
C LYS C 36 -1.52 -32.05 -7.46
N LEU C 37 -1.64 -31.78 -8.77
CA LEU C 37 -0.72 -30.90 -9.48
C LEU C 37 -1.50 -29.76 -10.13
N PHE C 38 -1.08 -28.54 -9.86
CA PHE C 38 -1.70 -27.34 -10.41
C PHE C 38 -0.90 -26.93 -11.65
N VAL C 39 -1.54 -27.04 -12.81
CA VAL C 39 -0.89 -26.82 -14.10
C VAL C 39 -1.21 -25.42 -14.61
N ASN C 40 -0.19 -24.75 -15.14
CA ASN C 40 -0.32 -23.39 -15.66
C ASN C 40 -0.61 -22.37 -14.57
N GLY C 41 -0.07 -22.58 -13.38
CA GLY C 41 -0.11 -21.58 -12.34
C GLY C 41 0.99 -20.55 -12.53
N THR C 42 1.13 -19.68 -11.54
CA THR C 42 2.22 -18.71 -11.56
C THR C 42 3.56 -19.43 -11.62
N THR C 43 3.79 -20.36 -10.71
CA THR C 43 5.06 -21.07 -10.68
C THR C 43 5.34 -21.75 -12.01
N GLY C 44 4.29 -22.10 -12.75
CA GLY C 44 4.44 -22.62 -14.09
C GLY C 44 4.44 -21.57 -15.18
N LEU C 45 4.43 -20.29 -14.81
CA LEU C 45 4.45 -19.20 -15.78
C LEU C 45 3.21 -19.24 -16.67
N GLY C 46 2.06 -19.54 -16.06
CA GLY C 46 0.82 -19.63 -16.79
C GLY C 46 0.58 -18.44 -17.70
N PRO C 47 0.71 -17.24 -17.16
CA PRO C 47 0.46 -16.04 -17.98
C PRO C 47 1.35 -15.97 -19.21
N SER C 48 2.57 -16.49 -19.12
CA SER C 48 3.51 -16.43 -20.24
C SER C 48 3.21 -17.45 -21.34
N LEU C 49 2.23 -18.32 -21.15
CA LEU C 49 1.98 -19.41 -22.08
C LEU C 49 0.82 -19.08 -23.02
N SER C 50 0.96 -19.49 -24.28
CA SER C 50 -0.16 -19.44 -25.20
C SER C 50 -1.26 -20.38 -24.72
N PRO C 51 -2.48 -20.24 -25.25
CA PRO C 51 -3.51 -21.24 -24.95
C PRO C 51 -3.13 -22.63 -25.40
N GLU C 52 -2.45 -22.73 -26.55
CA GLU C 52 -2.01 -24.03 -27.05
C GLU C 52 -0.96 -24.64 -26.14
N GLU C 53 -0.13 -23.81 -25.52
CA GLU C 53 0.85 -24.31 -24.57
C GLU C 53 0.23 -24.67 -23.22
N LYS C 54 -0.79 -23.93 -22.80
CA LYS C 54 -1.54 -24.33 -21.61
C LYS C 54 -2.13 -25.72 -21.80
N LEU C 55 -2.68 -26.00 -22.98
CA LEU C 55 -3.23 -27.33 -23.26
C LEU C 55 -2.13 -28.36 -23.42
N GLU C 56 -1.05 -28.01 -24.12
CA GLU C 56 0.14 -28.85 -24.16
C GLU C 56 0.51 -29.35 -22.77
N ASN C 57 0.64 -28.44 -21.80
CA ASN C 57 1.00 -28.83 -20.44
C ASN C 57 0.03 -29.88 -19.89
N LEU C 58 -1.27 -29.61 -19.97
CA LEU C 58 -2.26 -30.56 -19.48
C LEU C 58 -2.08 -31.93 -20.14
N LYS C 59 -2.01 -31.96 -21.47
CA LYS C 59 -1.87 -33.22 -22.17
C LYS C 59 -0.66 -34.00 -21.68
N ALA C 60 0.44 -33.31 -21.40
CA ALA C 60 1.67 -33.99 -21.01
C ALA C 60 1.61 -34.50 -19.58
N VAL C 61 0.99 -33.76 -18.68
CA VAL C 61 0.91 -34.21 -17.29
C VAL C 61 -0.14 -35.31 -17.15
N TYR C 62 -1.22 -35.23 -17.92
CA TYR C 62 -2.24 -36.27 -17.89
C TYR C 62 -1.64 -37.63 -18.20
N ASP C 63 -0.60 -37.66 -19.04
CA ASP C 63 0.10 -38.90 -19.30
C ASP C 63 0.49 -39.62 -18.01
N VAL C 64 0.85 -38.84 -16.99
CA VAL C 64 1.35 -39.40 -15.74
C VAL C 64 0.23 -39.63 -14.74
N THR C 65 -0.62 -38.62 -14.54
CA THR C 65 -1.65 -38.68 -13.52
C THR C 65 -2.82 -37.81 -13.96
N ASN C 66 -4.01 -38.19 -13.51
CA ASN C 66 -5.20 -37.38 -13.73
C ASN C 66 -5.52 -36.50 -12.53
N LYS C 67 -4.72 -36.54 -11.47
CA LYS C 67 -4.96 -35.72 -10.29
C LYS C 67 -4.40 -34.32 -10.55
N ILE C 68 -5.13 -33.59 -11.39
CA ILE C 68 -4.70 -32.31 -11.95
C ILE C 68 -5.79 -31.28 -11.73
N ILE C 69 -5.36 -30.03 -11.55
CA ILE C 69 -6.23 -28.87 -11.67
C ILE C 69 -5.65 -27.98 -12.76
N PHE C 70 -6.50 -27.58 -13.70
CA PHE C 70 -6.10 -27.08 -15.01
C PHE C 70 -6.41 -25.59 -15.08
N GLN C 71 -5.37 -24.77 -14.99
CA GLN C 71 -5.53 -23.32 -15.03
C GLN C 71 -5.62 -22.85 -16.48
N VAL C 72 -6.64 -22.05 -16.79
CA VAL C 72 -6.98 -21.73 -18.18
C VAL C 72 -7.11 -20.24 -18.41
N GLY C 73 -6.80 -19.43 -17.40
CA GLY C 73 -7.15 -18.04 -17.42
C GLY C 73 -6.28 -17.18 -18.33
N GLY C 74 -6.78 -15.98 -18.60
CA GLY C 74 -6.09 -15.06 -19.47
C GLY C 74 -6.90 -13.81 -19.69
N LEU C 75 -6.42 -12.99 -20.61
CA LEU C 75 -7.07 -11.73 -20.96
C LEU C 75 -7.93 -11.85 -22.22
N ASN C 76 -8.07 -13.05 -22.77
CA ASN C 76 -9.01 -13.32 -23.86
C ASN C 76 -10.02 -14.34 -23.33
N LEU C 77 -11.21 -13.86 -22.97
CA LEU C 77 -12.22 -14.75 -22.41
C LEU C 77 -12.55 -15.91 -23.35
N ASP C 78 -12.43 -15.68 -24.65
CA ASP C 78 -12.74 -16.74 -25.61
C ASP C 78 -11.75 -17.89 -25.51
N ASP C 79 -10.45 -17.57 -25.46
CA ASP C 79 -9.44 -18.62 -25.35
C ASP C 79 -9.65 -19.47 -24.09
N ALA C 80 -10.04 -18.84 -22.98
CA ALA C 80 -10.23 -19.59 -21.75
C ALA C 80 -11.44 -20.52 -21.84
N ILE C 81 -12.56 -20.01 -22.38
CA ILE C 81 -13.73 -20.86 -22.60
C ILE C 81 -13.34 -22.07 -23.45
N ARG C 82 -12.66 -21.82 -24.56
CA ARG C 82 -12.14 -22.91 -25.39
C ARG C 82 -11.35 -23.90 -24.54
N LEU C 83 -10.36 -23.41 -23.78
CA LEU C 83 -9.58 -24.29 -22.93
C LEU C 83 -10.45 -25.05 -21.93
N ALA C 84 -11.38 -24.34 -21.28
CA ALA C 84 -12.22 -24.98 -20.27
C ALA C 84 -13.03 -26.12 -20.87
N LYS C 85 -13.52 -25.93 -22.10
CA LYS C 85 -14.33 -26.99 -22.72
C LYS C 85 -13.45 -28.14 -23.20
N LEU C 86 -12.26 -27.84 -23.71
CA LEU C 86 -11.34 -28.90 -24.11
C LEU C 86 -11.03 -29.86 -22.97
N SER C 87 -11.16 -29.41 -21.72
CA SER C 87 -10.90 -30.27 -20.57
C SER C 87 -11.96 -31.35 -20.40
N LYS C 88 -13.05 -31.29 -21.16
CA LYS C 88 -14.08 -32.33 -21.08
C LYS C 88 -13.47 -33.72 -21.18
N ASP C 89 -12.52 -33.90 -22.10
CA ASP C 89 -11.97 -35.20 -22.43
C ASP C 89 -10.91 -35.67 -21.46
N PHE C 90 -10.68 -34.94 -20.37
CA PHE C 90 -9.69 -35.30 -19.37
C PHE C 90 -10.42 -35.51 -18.05
N ASP C 91 -10.27 -36.69 -17.46
CA ASP C 91 -10.91 -37.01 -16.17
C ASP C 91 -10.04 -36.47 -15.04
N ILE C 92 -10.11 -35.15 -14.84
CA ILE C 92 -9.23 -34.44 -13.94
C ILE C 92 -10.01 -33.86 -12.77
N VAL C 93 -9.30 -33.25 -11.82
CA VAL C 93 -9.94 -32.78 -10.59
C VAL C 93 -10.78 -31.54 -10.87
N GLY C 94 -10.21 -30.57 -11.59
CA GLY C 94 -10.94 -29.34 -11.83
C GLY C 94 -10.20 -28.47 -12.82
N ILE C 95 -10.80 -27.33 -13.11
CA ILE C 95 -10.13 -26.24 -13.82
C ILE C 95 -10.08 -25.05 -12.87
N ALA C 96 -9.20 -24.10 -13.19
CA ALA C 96 -9.01 -22.95 -12.34
C ALA C 96 -8.70 -21.73 -13.21
N SER C 97 -8.84 -20.56 -12.60
CA SER C 97 -8.50 -19.32 -13.27
C SER C 97 -8.22 -18.26 -12.22
N TYR C 98 -7.11 -17.56 -12.38
CA TYR C 98 -6.92 -16.31 -11.67
C TYR C 98 -7.88 -15.26 -12.23
N ALA C 99 -8.09 -14.20 -11.45
CA ALA C 99 -8.84 -13.07 -11.96
C ALA C 99 -8.09 -12.45 -13.14
N PRO C 100 -8.81 -11.78 -14.05
CA PRO C 100 -8.12 -11.12 -15.18
C PRO C 100 -7.14 -10.08 -14.65
N TYR C 101 -5.88 -10.19 -15.09
CA TYR C 101 -4.78 -9.45 -14.48
C TYR C 101 -4.47 -8.18 -15.27
N TYR C 102 -3.42 -7.49 -14.81
CA TYR C 102 -2.91 -6.27 -15.42
C TYR C 102 -3.85 -5.07 -15.24
N TYR C 103 -5.05 -5.13 -15.80
CA TYR C 103 -5.90 -3.94 -15.86
C TYR C 103 -6.40 -3.59 -14.46
N PRO C 104 -6.21 -2.35 -14.00
CA PRO C 104 -6.73 -1.96 -12.69
C PRO C 104 -8.17 -1.45 -12.77
N ARG C 105 -8.75 -1.27 -11.58
CA ARG C 105 -10.08 -0.69 -11.44
C ARG C 105 -11.11 -1.43 -12.29
N MET C 106 -11.12 -2.76 -12.18
CA MET C 106 -12.13 -3.56 -12.86
C MET C 106 -13.33 -3.71 -11.94
N SER C 107 -14.52 -3.47 -12.48
CA SER C 107 -15.73 -3.54 -11.67
C SER C 107 -15.90 -4.94 -11.09
N GLU C 108 -16.43 -4.99 -9.87
CA GLU C 108 -16.85 -6.27 -9.29
C GLU C 108 -17.78 -6.99 -10.24
N LYS C 109 -18.78 -6.27 -10.77
CA LYS C 109 -19.71 -6.85 -11.73
C LYS C 109 -18.95 -7.54 -12.87
N HIS C 110 -18.02 -6.82 -13.49
CA HIS C 110 -17.24 -7.40 -14.59
C HIS C 110 -16.43 -8.61 -14.14
N LEU C 111 -15.96 -8.61 -12.89
CA LEU C 111 -15.18 -9.73 -12.39
C LEU C 111 -16.05 -10.94 -12.09
N VAL C 112 -17.24 -10.71 -11.54
CA VAL C 112 -18.18 -11.81 -11.32
C VAL C 112 -18.60 -12.40 -12.65
N LYS C 113 -18.88 -11.54 -13.64
CA LYS C 113 -19.23 -12.03 -14.96
C LYS C 113 -18.17 -12.95 -15.52
N TYR C 114 -16.89 -12.58 -15.37
CA TYR C 114 -15.81 -13.39 -15.92
C TYR C 114 -15.81 -14.78 -15.32
N PHE C 115 -16.08 -14.90 -14.03
CA PHE C 115 -16.01 -16.21 -13.39
C PHE C 115 -17.30 -17.00 -13.59
N LYS C 116 -18.45 -16.36 -13.40
CA LYS C 116 -19.71 -17.02 -13.71
C LYS C 116 -19.71 -17.59 -15.12
N THR C 117 -19.07 -16.88 -16.05
CA THR C 117 -19.00 -17.36 -17.43
C THR C 117 -18.22 -18.67 -17.51
N LEU C 118 -17.07 -18.73 -16.85
CA LEU C 118 -16.27 -19.95 -16.88
C LEU C 118 -17.03 -21.11 -16.23
N CYS C 119 -17.64 -20.85 -15.08
CA CYS C 119 -18.52 -21.85 -14.47
C CYS C 119 -19.56 -22.34 -15.46
N GLU C 120 -20.07 -21.44 -16.31
CA GLU C 120 -21.20 -21.77 -17.17
C GLU C 120 -20.83 -22.84 -18.19
N VAL C 121 -19.59 -22.81 -18.67
CA VAL C 121 -19.16 -23.73 -19.73
C VAL C 121 -18.36 -24.93 -19.20
N SER C 122 -18.08 -24.97 -17.91
CA SER C 122 -17.07 -25.89 -17.41
C SER C 122 -17.63 -27.31 -17.30
N PRO C 123 -16.91 -28.31 -17.80
CA PRO C 123 -17.28 -29.72 -17.53
C PRO C 123 -16.65 -30.33 -16.29
N HIS C 124 -15.93 -29.55 -15.48
CA HIS C 124 -15.37 -30.03 -14.22
C HIS C 124 -15.59 -28.96 -13.15
N PRO C 125 -15.41 -29.30 -11.87
CA PRO C 125 -15.40 -28.25 -10.84
C PRO C 125 -14.46 -27.11 -11.21
N VAL C 126 -14.81 -25.92 -10.72
CA VAL C 126 -14.07 -24.69 -10.99
C VAL C 126 -13.41 -24.22 -9.71
N TYR C 127 -12.11 -23.97 -9.76
CA TYR C 127 -11.35 -23.50 -8.61
C TYR C 127 -10.94 -22.04 -8.79
N LEU C 128 -11.07 -21.26 -7.72
CA LEU C 128 -10.69 -19.86 -7.72
C LEU C 128 -9.20 -19.74 -7.42
N TYR C 129 -8.45 -19.12 -8.34
CA TYR C 129 -7.03 -18.84 -8.14
C TYR C 129 -6.92 -17.36 -7.75
N ASN C 130 -6.92 -17.09 -6.46
CA ASN C 130 -6.92 -15.71 -5.97
C ASN C 130 -5.50 -15.29 -5.61
N TYR C 131 -4.93 -14.39 -6.41
CA TYR C 131 -3.55 -13.91 -6.23
C TYR C 131 -3.57 -12.41 -6.38
N PRO C 132 -4.02 -11.69 -5.35
CA PRO C 132 -4.22 -10.23 -5.51
C PRO C 132 -2.96 -9.48 -5.87
N THR C 133 -1.79 -9.92 -5.43
CA THR C 133 -0.58 -9.16 -5.69
C THR C 133 -0.20 -9.21 -7.17
N ALA C 134 -0.38 -10.38 -7.80
CA ALA C 134 0.02 -10.57 -9.18
C ALA C 134 -1.04 -10.10 -10.17
N THR C 135 -2.32 -10.19 -9.79
CA THR C 135 -3.41 -9.87 -10.70
C THR C 135 -3.92 -8.45 -10.56
N GLY C 136 -3.78 -7.84 -9.38
CA GLY C 136 -4.24 -6.48 -9.16
C GLY C 136 -5.62 -6.36 -8.54
N LYS C 137 -6.24 -7.46 -8.15
CA LYS C 137 -7.56 -7.39 -7.53
C LYS C 137 -7.78 -8.63 -6.69
N ASP C 138 -8.78 -8.55 -5.81
CA ASP C 138 -9.03 -9.59 -4.82
C ASP C 138 -10.45 -10.14 -4.96
N ILE C 139 -10.53 -11.41 -5.34
CA ILE C 139 -11.82 -12.12 -5.34
C ILE C 139 -11.94 -12.74 -3.94
N ASP C 140 -12.34 -11.91 -2.98
CA ASP C 140 -12.34 -12.32 -1.58
C ASP C 140 -13.54 -13.24 -1.31
N ALA C 141 -13.78 -13.52 -0.03
CA ALA C 141 -14.77 -14.52 0.34
C ALA C 141 -16.18 -14.09 -0.08
N LYS C 142 -16.53 -12.82 0.14
CA LYS C 142 -17.87 -12.37 -0.22
C LYS C 142 -18.09 -12.45 -1.72
N VAL C 143 -17.10 -12.03 -2.51
CA VAL C 143 -17.25 -12.06 -3.96
C VAL C 143 -17.28 -13.49 -4.46
N ALA C 144 -16.43 -14.35 -3.89
CA ALA C 144 -16.45 -15.77 -4.24
C ALA C 144 -17.79 -16.40 -3.88
N LYS C 145 -18.42 -15.94 -2.79
CA LYS C 145 -19.77 -16.38 -2.47
C LYS C 145 -20.77 -15.84 -3.47
N GLU C 146 -20.66 -14.54 -3.80
CA GLU C 146 -21.50 -13.94 -4.84
C GLU C 146 -21.41 -14.74 -6.13
N ILE C 147 -20.19 -15.03 -6.59
CA ILE C 147 -20.01 -15.82 -7.80
C ILE C 147 -20.83 -17.10 -7.72
N GLY C 148 -20.71 -17.80 -6.60
CA GLY C 148 -21.63 -18.87 -6.25
C GLY C 148 -21.30 -20.26 -6.75
N CYS C 149 -20.24 -20.43 -7.52
CA CYS C 149 -20.02 -21.70 -8.22
C CYS C 149 -18.62 -22.29 -8.04
N PHE C 150 -17.82 -21.78 -7.12
CA PHE C 150 -16.50 -22.34 -6.90
C PHE C 150 -16.58 -23.59 -6.03
N THR C 151 -15.82 -24.62 -6.42
CA THR C 151 -15.66 -25.81 -5.58
C THR C 151 -14.57 -25.59 -4.55
N GLY C 152 -13.45 -24.98 -4.96
CA GLY C 152 -12.37 -24.66 -4.06
C GLY C 152 -11.76 -23.32 -4.41
N VAL C 153 -10.82 -22.88 -3.58
CA VAL C 153 -10.11 -21.63 -3.77
C VAL C 153 -8.67 -21.83 -3.34
N LYS C 154 -7.74 -21.22 -4.08
CA LYS C 154 -6.33 -21.18 -3.74
C LYS C 154 -6.00 -19.73 -3.48
N ASP C 155 -5.74 -19.41 -2.21
CA ASP C 155 -5.64 -18.02 -1.74
C ASP C 155 -4.18 -17.66 -1.57
N VAL C 156 -3.62 -16.99 -2.58
CA VAL C 156 -2.22 -16.56 -2.55
C VAL C 156 -2.19 -15.21 -1.84
N ILE C 157 -1.89 -15.25 -0.55
CA ILE C 157 -1.96 -14.08 0.31
C ILE C 157 -1.34 -14.51 1.64
N GLU C 158 -0.65 -13.58 2.30
CA GLU C 158 -0.03 -13.89 3.58
C GLU C 158 -0.97 -13.60 4.75
N ASN C 159 -2.14 -13.06 4.47
CA ASN C 159 -3.17 -12.81 5.47
C ASN C 159 -4.07 -14.03 5.57
N ILE C 160 -3.85 -14.86 6.60
CA ILE C 160 -4.63 -16.08 6.73
C ILE C 160 -6.02 -15.82 7.29
N ILE C 161 -6.25 -14.66 7.89
CA ILE C 161 -7.63 -14.24 8.19
C ILE C 161 -8.43 -14.21 6.90
N HIS C 162 -7.87 -13.57 5.87
CA HIS C 162 -8.50 -13.51 4.57
C HIS C 162 -8.85 -14.91 4.07
N THR C 163 -7.98 -15.88 4.34
CA THR C 163 -8.20 -17.24 3.85
C THR C 163 -9.27 -17.96 4.66
N LEU C 164 -9.26 -17.82 5.98
CA LEU C 164 -10.30 -18.43 6.79
C LEU C 164 -11.68 -17.93 6.41
N ASP C 165 -11.79 -16.64 6.06
CA ASP C 165 -13.08 -16.08 5.71
C ASP C 165 -13.77 -16.90 4.62
N TYR C 166 -12.99 -17.45 3.68
CA TYR C 166 -13.57 -18.33 2.67
C TYR C 166 -14.33 -19.48 3.32
N LYS C 167 -13.70 -20.15 4.29
CA LYS C 167 -14.35 -21.25 4.98
C LYS C 167 -15.57 -20.77 5.76
N ARG C 168 -15.48 -19.58 6.35
CA ARG C 168 -16.59 -19.04 7.14
C ARG C 168 -17.80 -18.75 6.28
N LEU C 169 -17.62 -18.01 5.18
CA LEU C 169 -18.77 -17.67 4.33
C LEU C 169 -19.09 -18.74 3.29
N ASN C 170 -18.29 -19.79 3.18
CA ASN C 170 -18.51 -20.86 2.20
C ASN C 170 -18.16 -22.19 2.86
N PRO C 171 -19.05 -22.69 3.73
CA PRO C 171 -18.70 -23.87 4.55
C PRO C 171 -18.29 -25.11 3.77
N ASN C 172 -18.83 -25.32 2.57
CA ASN C 172 -18.55 -26.54 1.81
C ASN C 172 -17.41 -26.37 0.81
N MET C 173 -16.70 -25.25 0.85
CA MET C 173 -15.66 -24.98 -0.12
C MET C 173 -14.31 -25.47 0.40
N LEU C 174 -13.50 -26.02 -0.50
CA LEU C 174 -12.11 -26.34 -0.19
C LEU C 174 -11.29 -25.06 -0.24
N VAL C 175 -10.49 -24.82 0.79
CA VAL C 175 -9.77 -23.56 0.96
C VAL C 175 -8.30 -23.89 1.17
N TYR C 176 -7.48 -23.62 0.16
CA TYR C 176 -6.05 -23.85 0.24
C TYR C 176 -5.30 -22.53 0.36
N SER C 177 -4.17 -22.58 1.06
CA SER C 177 -3.26 -21.44 1.11
C SER C 177 -2.18 -21.64 0.04
N GLY C 178 -1.81 -20.54 -0.62
CA GLY C 178 -0.71 -20.54 -1.55
C GLY C 178 0.62 -20.16 -0.94
N SER C 179 0.73 -20.16 0.38
CA SER C 179 1.91 -19.66 1.07
C SER C 179 2.74 -20.83 1.59
N ASP C 180 3.96 -20.98 1.04
CA ASP C 180 4.82 -22.09 1.42
C ASP C 180 5.14 -22.07 2.92
N MET C 181 5.10 -20.90 3.54
CA MET C 181 5.53 -20.75 4.93
C MET C 181 4.43 -21.02 5.94
N LEU C 182 3.23 -21.41 5.50
CA LEU C 182 2.12 -21.68 6.40
C LEU C 182 1.65 -23.13 6.34
N ILE C 183 2.49 -24.04 5.80
CA ILE C 183 2.06 -25.43 5.66
C ILE C 183 1.74 -26.04 7.02
N ALA C 184 2.59 -25.79 8.01
CA ALA C 184 2.29 -26.24 9.38
C ALA C 184 1.01 -25.60 9.89
N THR C 185 0.87 -24.28 9.70
CA THR C 185 -0.29 -23.55 10.19
C THR C 185 -1.57 -24.04 9.54
N VAL C 186 -1.61 -24.02 8.21
CA VAL C 186 -2.80 -24.44 7.46
C VAL C 186 -3.26 -25.82 7.94
N ALA C 187 -2.33 -26.77 8.02
CA ALA C 187 -2.68 -28.12 8.41
C ALA C 187 -3.31 -28.16 9.79
N SER C 188 -2.87 -27.28 10.69
CA SER C 188 -3.26 -27.38 12.09
C SER C 188 -4.48 -26.54 12.44
N THR C 189 -4.89 -25.60 11.59
CA THR C 189 -6.03 -24.75 11.89
C THR C 189 -7.27 -25.13 11.08
N GLY C 190 -7.30 -26.33 10.52
CA GLY C 190 -8.50 -26.87 9.91
C GLY C 190 -8.71 -26.54 8.45
N LEU C 191 -7.70 -26.04 7.76
CA LEU C 191 -7.85 -25.73 6.34
C LEU C 191 -7.36 -26.89 5.49
N ASP C 192 -7.77 -26.88 4.22
CA ASP C 192 -7.64 -28.06 3.36
C ASP C 192 -6.26 -28.23 2.73
N GLY C 193 -5.30 -27.35 3.05
CA GLY C 193 -3.94 -27.59 2.63
C GLY C 193 -3.36 -26.41 1.90
N ASN C 194 -2.24 -26.66 1.22
CA ASN C 194 -1.45 -25.60 0.60
C ASN C 194 -1.16 -25.91 -0.87
N VAL C 195 -1.11 -24.84 -1.66
CA VAL C 195 -0.50 -24.88 -2.98
C VAL C 195 0.86 -24.22 -2.86
N ALA C 196 1.92 -25.01 -3.01
CA ALA C 196 3.25 -24.65 -2.53
C ALA C 196 4.28 -24.83 -3.64
N LEU C 197 4.74 -23.72 -4.21
CA LEU C 197 5.82 -23.79 -5.19
C LEU C 197 6.99 -24.57 -4.63
N GLY C 198 7.26 -24.42 -3.33
CA GLY C 198 8.38 -25.12 -2.72
C GLY C 198 8.32 -26.62 -2.85
N SER C 199 7.11 -27.18 -3.01
CA SER C 199 7.00 -28.63 -3.22
C SER C 199 7.57 -29.06 -4.56
N ASN C 200 7.94 -28.12 -5.43
CA ASN C 200 8.62 -28.47 -6.67
C ASN C 200 10.01 -29.02 -6.40
N TYR C 201 10.77 -28.38 -5.51
CA TYR C 201 12.16 -28.76 -5.29
C TYR C 201 12.40 -29.52 -3.99
N LEU C 202 11.44 -29.56 -3.08
CA LEU C 202 11.58 -30.36 -1.86
C LEU C 202 10.20 -30.90 -1.46
N PRO C 203 9.56 -31.69 -2.32
CA PRO C 203 8.27 -32.27 -1.95
C PRO C 203 8.36 -33.17 -0.73
N GLU C 204 9.54 -33.76 -0.46
CA GLU C 204 9.73 -34.49 0.78
C GLU C 204 9.40 -33.62 2.00
N VAL C 205 9.73 -32.33 1.92
CA VAL C 205 9.59 -31.47 3.08
C VAL C 205 8.15 -31.01 3.24
N THR C 206 7.55 -30.48 2.18
CA THR C 206 6.16 -30.01 2.28
C THR C 206 5.24 -31.13 2.76
N VAL C 207 5.47 -32.35 2.28
CA VAL C 207 4.64 -33.47 2.69
C VAL C 207 4.88 -33.78 4.17
N THR C 208 6.15 -33.84 4.58
CA THR C 208 6.45 -34.21 5.96
C THR C 208 5.89 -33.19 6.94
N ILE C 209 5.98 -31.90 6.62
CA ILE C 209 5.43 -30.87 7.49
C ILE C 209 3.95 -31.12 7.71
N LYS C 210 3.20 -31.32 6.63
CA LYS C 210 1.77 -31.55 6.73
C LYS C 210 1.47 -32.77 7.60
N LYS C 211 2.18 -33.88 7.36
CA LYS C 211 1.99 -35.06 8.19
C LYS C 211 2.28 -34.74 9.66
N LEU C 212 3.44 -34.13 9.92
CA LEU C 212 3.79 -33.78 11.30
C LEU C 212 2.71 -32.93 11.94
N ALA C 213 2.10 -32.02 11.17
CA ALA C 213 1.02 -31.22 11.72
C ALA C 213 -0.21 -32.08 11.99
N MET C 214 -0.49 -33.07 11.13
CA MET C 214 -1.65 -33.93 11.34
C MET C 214 -1.51 -34.73 12.64
N GLU C 215 -0.33 -35.32 12.85
CA GLU C 215 -0.05 -36.04 14.09
C GLU C 215 0.01 -35.13 15.31
N ARG C 216 -0.30 -33.85 15.13
CA ARG C 216 -0.30 -32.87 16.21
C ARG C 216 1.09 -32.68 16.81
N LYS C 217 2.13 -33.14 16.11
CA LYS C 217 3.51 -32.84 16.45
C LYS C 217 3.90 -31.48 15.88
N ILE C 218 3.14 -30.46 16.30
CA ILE C 218 3.27 -29.13 15.68
C ILE C 218 4.63 -28.52 15.98
N ASP C 219 5.20 -28.80 17.15
CA ASP C 219 6.52 -28.27 17.45
C ASP C 219 7.57 -28.84 16.51
N GLU C 220 7.45 -30.12 16.17
CA GLU C 220 8.37 -30.72 15.21
C GLU C 220 8.06 -30.26 13.80
N ALA C 221 6.81 -29.88 13.52
CA ALA C 221 6.44 -29.42 12.19
C ALA C 221 7.01 -28.04 11.91
N LEU C 222 6.91 -27.11 12.87
CA LEU C 222 7.47 -25.78 12.66
C LEU C 222 8.97 -25.86 12.41
N LYS C 223 9.68 -26.70 13.16
CA LYS C 223 11.12 -26.83 12.99
C LYS C 223 11.47 -27.13 11.54
N LEU C 224 10.69 -28.00 10.89
CA LEU C 224 10.89 -28.27 9.47
C LEU C 224 10.34 -27.14 8.61
N GLN C 225 9.29 -26.47 9.07
CA GLN C 225 8.76 -25.31 8.36
C GLN C 225 9.82 -24.22 8.26
N PHE C 226 10.46 -23.90 9.38
CA PHE C 226 11.47 -22.83 9.40
C PHE C 226 12.67 -23.19 8.55
N LEU C 227 13.05 -24.47 8.47
CA LEU C 227 14.08 -24.87 7.53
C LEU C 227 13.61 -24.61 6.10
N HIS C 228 12.37 -24.97 5.80
CA HIS C 228 11.82 -24.72 4.47
C HIS C 228 11.80 -23.22 4.17
N ASP C 229 11.34 -22.41 5.13
CA ASP C 229 11.31 -20.97 4.95
C ASP C 229 12.66 -20.43 4.49
N GLU C 230 13.74 -20.91 5.11
CA GLU C 230 15.08 -20.44 4.75
C GLU C 230 15.39 -20.73 3.29
N VAL C 231 15.02 -21.92 2.81
CA VAL C 231 15.18 -22.23 1.40
C VAL C 231 14.33 -21.28 0.56
N ILE C 232 13.10 -21.02 0.99
CA ILE C 232 12.24 -20.05 0.31
C ILE C 232 12.95 -18.71 0.23
N GLU C 233 13.53 -18.27 1.37
CA GLU C 233 14.23 -16.99 1.40
C GLU C 233 15.39 -16.97 0.41
N ALA C 234 16.21 -18.02 0.41
CA ALA C 234 17.38 -18.04 -0.47
C ALA C 234 16.98 -17.90 -1.93
N SER C 235 15.84 -18.49 -2.32
CA SER C 235 15.43 -18.46 -3.72
C SER C 235 15.01 -17.07 -4.18
N ARG C 236 14.64 -16.18 -3.24
CA ARG C 236 14.20 -14.85 -3.61
C ARG C 236 15.36 -13.97 -4.08
N ILE C 237 16.56 -14.22 -3.56
CA ILE C 237 17.73 -13.39 -3.89
C ILE C 237 17.80 -13.15 -5.39
N PHE C 238 17.98 -14.22 -6.16
CA PHE C 238 18.16 -14.12 -7.60
C PHE C 238 16.85 -14.20 -8.37
N GLY C 239 15.72 -14.24 -7.67
CA GLY C 239 14.44 -14.43 -8.32
C GLY C 239 13.94 -15.83 -8.08
N SER C 240 12.92 -15.98 -7.25
CA SER C 240 12.47 -17.31 -6.88
C SER C 240 12.00 -18.09 -8.10
N LEU C 241 11.30 -17.44 -9.02
CA LEU C 241 10.76 -18.15 -10.17
C LEU C 241 11.85 -18.84 -10.98
N SER C 242 12.99 -18.16 -11.18
CA SER C 242 14.12 -18.81 -11.85
C SER C 242 14.77 -19.84 -10.95
N SER C 243 14.86 -19.56 -9.65
CA SER C 243 15.69 -20.37 -8.75
C SER C 243 15.11 -21.77 -8.54
N ASN C 244 13.78 -21.93 -8.65
CA ASN C 244 13.19 -23.24 -8.46
C ASN C 244 13.78 -24.26 -9.42
N TYR C 245 14.09 -23.82 -10.64
CA TYR C 245 14.79 -24.68 -11.59
C TYR C 245 16.08 -25.21 -10.98
N VAL C 246 16.96 -24.29 -10.56
CA VAL C 246 18.20 -24.69 -9.90
C VAL C 246 17.90 -25.61 -8.72
N LEU C 247 17.09 -25.13 -7.77
CA LEU C 247 16.82 -25.89 -6.56
C LEU C 247 16.29 -27.28 -6.87
N THR C 248 15.37 -27.38 -7.84
CA THR C 248 14.81 -28.69 -8.17
C THR C 248 15.89 -29.61 -8.73
N LYS C 249 16.75 -29.09 -9.60
CA LYS C 249 17.88 -29.88 -10.09
C LYS C 249 18.80 -30.27 -8.95
N TYR C 250 19.01 -29.34 -8.01
CA TYR C 250 19.94 -29.59 -6.91
C TYR C 250 19.40 -30.63 -5.94
N PHE C 251 18.17 -30.43 -5.45
CA PHE C 251 17.62 -31.34 -4.43
C PHE C 251 17.12 -32.65 -5.03
N GLN C 252 16.52 -32.60 -6.22
CA GLN C 252 15.91 -33.78 -6.83
C GLN C 252 16.77 -34.42 -7.93
N GLY C 253 17.73 -33.69 -8.48
CA GLY C 253 18.80 -34.31 -9.25
C GLY C 253 18.54 -34.52 -10.73
N TYR C 254 17.42 -34.07 -11.26
CA TYR C 254 17.20 -34.04 -12.70
C TYR C 254 17.02 -32.58 -13.13
N ASP C 255 17.35 -32.32 -14.38
CA ASP C 255 17.34 -30.96 -14.92
C ASP C 255 15.96 -30.61 -15.45
N LEU C 256 15.58 -29.33 -15.31
CA LEU C 256 14.29 -28.84 -15.77
C LEU C 256 14.41 -27.79 -16.88
N GLY C 257 15.59 -27.66 -17.48
CA GLY C 257 15.73 -26.74 -18.59
C GLY C 257 15.72 -25.30 -18.15
N TYR C 258 15.09 -24.46 -18.96
CA TYR C 258 15.13 -23.02 -18.77
C TYR C 258 13.75 -22.47 -18.42
N PRO C 259 13.69 -21.35 -17.70
CA PRO C 259 12.46 -20.55 -17.69
C PRO C 259 12.31 -19.80 -19.00
N ARG C 260 11.15 -19.17 -19.16
CA ARG C 260 10.87 -18.40 -20.37
C ARG C 260 11.15 -16.93 -20.13
N PRO C 261 12.12 -16.32 -20.79
CA PRO C 261 12.32 -14.89 -20.64
C PRO C 261 11.04 -14.14 -20.96
N PRO C 262 10.78 -13.01 -20.29
CA PRO C 262 11.63 -12.28 -19.35
C PRO C 262 11.81 -12.89 -17.96
N ILE C 263 11.42 -14.15 -17.76
CA ILE C 263 11.86 -14.91 -16.59
C ILE C 263 13.19 -15.55 -16.97
N PHE C 264 14.30 -14.90 -16.59
CA PHE C 264 15.57 -15.36 -17.13
C PHE C 264 16.17 -16.47 -16.28
N PRO C 265 16.96 -17.35 -16.90
CA PRO C 265 17.63 -18.41 -16.13
C PRO C 265 18.75 -17.83 -15.28
N LEU C 266 18.91 -18.40 -14.09
CA LEU C 266 20.08 -18.08 -13.29
C LEU C 266 21.35 -18.39 -14.09
N ASP C 267 22.39 -17.60 -13.87
CA ASP C 267 23.67 -17.87 -14.51
C ASP C 267 24.48 -18.81 -13.61
N ASP C 268 25.68 -19.17 -14.07
CA ASP C 268 26.48 -20.14 -13.33
C ASP C 268 26.95 -19.58 -12.00
N GLU C 269 27.34 -18.31 -11.96
CA GLU C 269 27.71 -17.69 -10.69
C GLU C 269 26.52 -17.60 -9.76
N GLU C 270 25.36 -17.19 -10.28
CA GLU C 270 24.15 -17.12 -9.47
C GLU C 270 23.75 -18.50 -8.96
N GLU C 271 23.80 -19.50 -9.84
CA GLU C 271 23.47 -20.87 -9.43
C GLU C 271 24.38 -21.31 -8.28
N ARG C 272 25.67 -20.96 -8.35
CA ARG C 272 26.62 -21.41 -7.35
C ARG C 272 26.42 -20.71 -6.01
N GLN C 273 26.00 -19.43 -6.03
CA GLN C 273 25.77 -18.70 -4.78
C GLN C 273 24.53 -19.20 -4.06
N LEU C 274 23.48 -19.52 -4.81
CA LEU C 274 22.26 -20.07 -4.22
C LEU C 274 22.56 -21.39 -3.52
N ILE C 275 23.26 -22.29 -4.19
CA ILE C 275 23.60 -23.58 -3.60
C ILE C 275 24.39 -23.38 -2.31
N LYS C 276 25.35 -22.47 -2.33
CA LYS C 276 26.09 -22.17 -1.10
C LYS C 276 25.15 -21.69 0.00
N LYS C 277 24.04 -21.04 -0.37
CA LYS C 277 23.07 -20.59 0.61
C LYS C 277 22.21 -21.72 1.16
N VAL C 278 22.08 -22.83 0.42
CA VAL C 278 21.22 -23.93 0.85
C VAL C 278 22.00 -25.16 1.29
N GLU C 279 23.31 -25.22 1.05
CA GLU C 279 24.11 -26.35 1.49
C GLU C 279 23.90 -26.64 2.97
N GLY C 280 23.90 -25.60 3.80
CA GLY C 280 23.76 -25.79 5.23
C GLY C 280 22.38 -26.29 5.62
N ILE C 281 21.36 -25.93 4.86
CA ILE C 281 20.02 -26.45 5.11
C ILE C 281 19.95 -27.90 4.65
N ARG C 282 20.46 -28.18 3.44
CA ARG C 282 20.49 -29.55 2.97
C ARG C 282 21.14 -30.48 4.01
N ALA C 283 22.24 -30.02 4.62
CA ALA C 283 22.89 -30.84 5.64
C ALA C 283 21.92 -31.22 6.75
N LYS C 284 21.19 -30.23 7.29
CA LYS C 284 20.25 -30.50 8.36
C LYS C 284 19.14 -31.43 7.89
N LEU C 285 18.77 -31.38 6.61
CA LEU C 285 17.73 -32.25 6.10
C LEU C 285 18.20 -33.69 5.98
N VAL C 286 19.42 -33.89 5.51
CA VAL C 286 20.07 -35.20 5.59
C VAL C 286 20.10 -35.67 7.03
N GLU C 287 20.56 -34.81 7.93
CA GLU C 287 20.64 -35.15 9.35
C GLU C 287 19.31 -35.69 9.86
N LEU C 288 18.20 -35.05 9.47
CA LEU C 288 16.87 -35.50 9.85
C LEU C 288 16.39 -36.74 9.09
N LYS C 289 17.22 -37.29 8.20
CA LYS C 289 16.86 -38.48 7.45
C LYS C 289 15.66 -38.23 6.53
N ILE C 290 15.50 -36.98 6.09
CA ILE C 290 14.48 -36.65 5.10
C ILE C 290 15.06 -36.74 3.69
N LEU C 291 16.36 -36.52 3.54
CA LEU C 291 17.05 -36.65 2.28
C LEU C 291 18.21 -37.63 2.43
N LYS C 292 18.61 -38.22 1.31
CA LYS C 292 19.79 -39.08 1.30
C LYS C 292 21.03 -38.23 1.08
N GLU C 293 22.11 -38.59 1.77
CA GLU C 293 23.38 -37.87 1.66
C GLU C 293 23.77 -37.63 0.20
N PRO D 1 5.00 21.27 -25.56
CA PRO D 1 4.52 19.96 -25.12
C PRO D 1 3.47 19.37 -26.06
N GLU D 2 3.23 18.07 -25.97
CA GLU D 2 2.37 17.35 -26.90
C GLU D 2 1.25 16.62 -26.17
N ILE D 3 0.23 16.25 -26.92
CA ILE D 3 -0.82 15.35 -26.45
C ILE D 3 -0.71 14.07 -27.28
N ILE D 4 -0.44 12.95 -26.61
CA ILE D 4 -0.28 11.66 -27.25
C ILE D 4 -1.45 10.79 -26.83
N THR D 5 -2.10 10.16 -27.81
CA THR D 5 -3.30 9.39 -27.55
C THR D 5 -2.95 7.91 -27.47
N PRO D 6 -3.14 7.25 -26.33
CA PRO D 6 -3.03 5.79 -26.32
C PRO D 6 -4.29 5.21 -26.94
N ILE D 7 -4.23 4.95 -28.24
CA ILE D 7 -5.43 4.78 -29.04
C ILE D 7 -6.21 3.54 -28.58
N ILE D 8 -7.53 3.62 -28.69
CA ILE D 8 -8.40 2.49 -28.43
C ILE D 8 -8.27 1.45 -29.55
N THR D 9 -8.37 0.18 -29.19
CA THR D 9 -8.45 -0.89 -30.16
C THR D 9 -9.91 -1.33 -30.27
N PRO D 10 -10.63 -0.96 -31.33
CA PRO D 10 -12.03 -1.38 -31.44
C PRO D 10 -12.13 -2.84 -31.87
N PHE D 11 -12.90 -3.62 -31.12
CA PHE D 11 -13.13 -5.02 -31.44
C PHE D 11 -14.55 -5.20 -32.00
N THR D 12 -14.69 -6.20 -32.87
CA THR D 12 -16.00 -6.58 -33.38
C THR D 12 -16.80 -7.31 -32.30
N LYS D 13 -18.03 -7.66 -32.63
CA LYS D 13 -18.84 -8.45 -31.71
C LYS D 13 -18.22 -9.82 -31.45
N ASP D 14 -17.64 -10.43 -32.50
CA ASP D 14 -17.03 -11.74 -32.39
C ASP D 14 -15.52 -11.67 -32.14
N ASN D 15 -15.07 -10.57 -31.54
CA ASN D 15 -13.76 -10.50 -30.90
C ASN D 15 -12.59 -10.40 -31.87
N ARG D 16 -12.81 -9.78 -33.02
CA ARG D 16 -11.73 -9.43 -33.93
C ARG D 16 -11.49 -7.92 -33.89
N ILE D 17 -10.31 -7.52 -34.33
CA ILE D 17 -10.00 -6.10 -34.48
C ILE D 17 -10.70 -5.59 -35.73
N ASP D 18 -11.54 -4.58 -35.56
CA ASP D 18 -12.24 -3.94 -36.67
C ASP D 18 -11.31 -2.88 -37.25
N LYS D 19 -10.53 -3.28 -38.26
CA LYS D 19 -9.49 -2.39 -38.78
C LYS D 19 -10.07 -1.10 -39.32
N GLU D 20 -11.31 -1.12 -39.83
CA GLU D 20 -11.89 0.09 -40.40
C GLU D 20 -12.22 1.10 -39.31
N LYS D 21 -12.88 0.66 -38.24
CA LYS D 21 -13.22 1.59 -37.16
C LYS D 21 -11.96 2.16 -36.52
N LEU D 22 -10.90 1.37 -36.43
CA LEU D 22 -9.63 1.90 -35.94
C LEU D 22 -9.15 3.07 -36.80
N LYS D 23 -9.22 2.93 -38.12
CA LYS D 23 -8.71 3.97 -39.01
C LYS D 23 -9.53 5.26 -38.88
N ILE D 24 -10.86 5.14 -38.87
CA ILE D 24 -11.70 6.33 -38.68
C ILE D 24 -11.28 7.05 -37.41
N HIS D 25 -11.20 6.30 -36.30
CA HIS D 25 -10.83 6.87 -35.01
C HIS D 25 -9.47 7.55 -35.07
N ALA D 26 -8.48 6.87 -35.65
CA ALA D 26 -7.16 7.49 -35.78
C ALA D 26 -7.23 8.74 -36.65
N GLU D 27 -7.99 8.68 -37.74
CA GLU D 27 -8.13 9.84 -38.62
C GLU D 27 -8.73 11.02 -37.88
N ASN D 28 -9.80 10.79 -37.11
CA ASN D 28 -10.42 11.88 -36.37
C ASN D 28 -9.42 12.52 -35.42
N LEU D 29 -8.65 11.70 -34.69
CA LEU D 29 -7.73 12.25 -33.70
C LEU D 29 -6.70 13.15 -34.35
N ILE D 30 -6.04 12.67 -35.40
CA ILE D 30 -5.10 13.50 -36.14
C ILE D 30 -5.78 14.79 -36.60
N ARG D 31 -7.01 14.66 -37.10
CA ARG D 31 -7.75 15.84 -37.55
C ARG D 31 -7.89 16.86 -36.44
N LYS D 32 -8.15 16.41 -35.22
CA LYS D 32 -8.40 17.31 -34.11
C LYS D 32 -7.13 17.72 -33.37
N GLY D 33 -5.96 17.47 -33.96
CA GLY D 33 -4.72 18.06 -33.48
C GLY D 33 -3.82 17.18 -32.65
N ILE D 34 -4.19 15.91 -32.42
CA ILE D 34 -3.35 15.05 -31.60
C ILE D 34 -1.99 14.89 -32.29
N ASP D 35 -0.93 14.91 -31.48
CA ASP D 35 0.42 14.96 -32.02
C ASP D 35 0.92 13.57 -32.44
N LYS D 36 0.75 12.57 -31.59
CA LYS D 36 1.19 11.22 -31.90
C LYS D 36 0.17 10.21 -31.36
N LEU D 37 0.30 8.97 -31.82
CA LEU D 37 -0.59 7.88 -31.44
C LEU D 37 0.22 6.77 -30.81
N PHE D 38 -0.16 6.39 -29.58
CA PHE D 38 0.50 5.34 -28.83
C PHE D 38 -0.33 4.07 -28.97
N VAL D 39 0.22 3.08 -29.67
CA VAL D 39 -0.52 1.93 -30.17
C VAL D 39 -0.17 0.70 -29.34
N ASN D 40 -1.21 0.03 -28.84
CA ASN D 40 -1.10 -1.18 -28.04
C ASN D 40 -0.74 -0.86 -26.59
N GLY D 41 -1.12 0.32 -26.12
CA GLY D 41 -1.00 0.63 -24.71
C GLY D 41 -2.13 0.01 -23.91
N THR D 42 -2.19 0.41 -22.63
CA THR D 42 -3.27 -0.08 -21.78
C THR D 42 -4.63 0.25 -22.37
N THR D 43 -4.83 1.50 -22.77
CA THR D 43 -6.11 1.91 -23.31
C THR D 43 -6.47 1.11 -24.56
N GLY D 44 -5.49 0.54 -25.25
CA GLY D 44 -5.73 -0.32 -26.39
C GLY D 44 -5.78 -1.80 -26.06
N LEU D 45 -5.78 -2.17 -24.78
CA LEU D 45 -5.79 -3.57 -24.37
C LEU D 45 -4.63 -4.34 -24.99
N GLY D 46 -3.45 -3.72 -25.00
CA GLY D 46 -2.27 -4.35 -25.55
C GLY D 46 -2.04 -5.73 -24.97
N PRO D 47 -2.07 -5.85 -23.64
CA PRO D 47 -1.85 -7.16 -23.01
C PRO D 47 -2.90 -8.19 -23.37
N SER D 48 -4.02 -7.79 -23.97
CA SER D 48 -5.03 -8.71 -24.47
C SER D 48 -4.81 -9.07 -25.92
N LEU D 49 -3.80 -8.51 -26.56
CA LEU D 49 -3.57 -8.68 -27.99
C LEU D 49 -2.42 -9.65 -28.22
N SER D 50 -2.59 -10.51 -29.20
CA SER D 50 -1.51 -11.39 -29.62
C SER D 50 -0.40 -10.56 -30.26
N PRO D 51 0.80 -11.13 -30.42
CA PRO D 51 1.80 -10.46 -31.24
C PRO D 51 1.29 -10.15 -32.64
N GLU D 52 0.51 -11.07 -33.23
CA GLU D 52 -0.04 -10.84 -34.55
C GLU D 52 -1.02 -9.67 -34.54
N GLU D 53 -1.81 -9.55 -33.47
CA GLU D 53 -2.76 -8.45 -33.36
C GLU D 53 -2.06 -7.12 -33.10
N LYS D 54 -1.00 -7.14 -32.30
CA LYS D 54 -0.22 -5.92 -32.08
C LYS D 54 0.33 -5.38 -33.41
N LEU D 55 0.82 -6.27 -34.26
CA LEU D 55 1.29 -5.84 -35.57
C LEU D 55 0.16 -5.29 -36.43
N GLU D 56 -1.01 -5.94 -36.38
CA GLU D 56 -2.17 -5.46 -37.12
C GLU D 56 -2.48 -4.01 -36.79
N ASN D 57 -2.53 -3.68 -35.49
CA ASN D 57 -2.81 -2.31 -35.09
C ASN D 57 -1.82 -1.33 -35.72
N LEU D 58 -0.55 -1.70 -35.78
CA LEU D 58 0.45 -0.85 -36.40
C LEU D 58 0.14 -0.65 -37.88
N LYS D 59 -0.17 -1.74 -38.58
CA LYS D 59 -0.45 -1.64 -40.01
C LYS D 59 -1.68 -0.78 -40.27
N ALA D 60 -2.70 -0.94 -39.43
CA ALA D 60 -3.94 -0.19 -39.64
C ALA D 60 -3.74 1.30 -39.38
N VAL D 61 -2.97 1.66 -38.35
CA VAL D 61 -2.76 3.06 -38.03
C VAL D 61 -1.68 3.67 -38.91
N TYR D 62 -0.74 2.85 -39.40
CA TYR D 62 0.28 3.36 -40.31
C TYR D 62 -0.33 3.88 -41.61
N ASP D 63 -1.55 3.46 -41.96
CA ASP D 63 -2.23 4.00 -43.12
C ASP D 63 -2.62 5.46 -42.90
N VAL D 64 -2.84 5.86 -41.66
CA VAL D 64 -3.38 7.17 -41.34
C VAL D 64 -2.28 8.17 -40.98
N THR D 65 -1.27 7.73 -40.24
CA THR D 65 -0.15 8.59 -39.88
C THR D 65 1.04 7.71 -39.54
N ASN D 66 2.23 8.30 -39.66
CA ASN D 66 3.46 7.64 -39.27
C ASN D 66 3.96 8.13 -37.92
N LYS D 67 3.25 9.07 -37.28
CA LYS D 67 3.62 9.54 -35.94
C LYS D 67 3.08 8.57 -34.90
N ILE D 68 3.68 7.38 -34.86
CA ILE D 68 3.24 6.29 -34.01
C ILE D 68 4.37 5.87 -33.08
N ILE D 69 4.02 5.58 -31.82
CA ILE D 69 4.88 4.87 -30.90
C ILE D 69 4.24 3.49 -30.69
N PHE D 70 5.01 2.44 -30.96
CA PHE D 70 4.50 1.09 -31.18
C PHE D 70 4.89 0.24 -29.98
N GLN D 71 3.89 -0.10 -29.16
CA GLN D 71 4.14 -0.88 -27.95
C GLN D 71 4.18 -2.36 -28.28
N VAL D 72 5.27 -3.03 -27.86
CA VAL D 72 5.56 -4.39 -28.27
C VAL D 72 5.76 -5.34 -27.10
N GLY D 73 5.62 -4.87 -25.86
CA GLY D 73 6.03 -5.66 -24.72
C GLY D 73 5.13 -6.87 -24.46
N GLY D 74 5.58 -7.70 -23.54
CA GLY D 74 4.85 -8.91 -23.19
C GLY D 74 5.72 -9.85 -22.38
N LEU D 75 5.16 -11.03 -22.12
CA LEU D 75 5.83 -12.04 -21.31
C LEU D 75 6.49 -13.13 -22.15
N ASN D 76 6.57 -12.95 -23.47
CA ASN D 76 7.35 -13.81 -24.35
C ASN D 76 8.33 -12.90 -25.09
N LEU D 77 9.59 -12.89 -24.64
CA LEU D 77 10.54 -11.91 -25.14
C LEU D 77 10.80 -12.08 -26.63
N ASP D 78 10.70 -13.31 -27.15
CA ASP D 78 10.92 -13.54 -28.58
C ASP D 78 9.86 -12.86 -29.42
N ASP D 79 8.60 -12.87 -28.95
CA ASP D 79 7.55 -12.14 -29.65
C ASP D 79 7.85 -10.64 -29.68
N ALA D 80 8.38 -10.11 -28.57
CA ALA D 80 8.68 -8.68 -28.50
C ALA D 80 9.87 -8.34 -29.41
N ILE D 81 10.88 -9.20 -29.44
CA ILE D 81 12.01 -8.96 -30.34
C ILE D 81 11.55 -8.99 -31.79
N ARG D 82 10.81 -10.04 -32.16
CA ARG D 82 10.30 -10.13 -33.53
C ARG D 82 9.48 -8.89 -33.89
N LEU D 83 8.66 -8.41 -32.95
CA LEU D 83 7.86 -7.22 -33.24
C LEU D 83 8.72 -5.99 -33.41
N ALA D 84 9.67 -5.77 -32.49
CA ALA D 84 10.56 -4.63 -32.62
C ALA D 84 11.29 -4.67 -33.96
N LYS D 85 11.74 -5.85 -34.37
CA LYS D 85 12.46 -5.98 -35.64
C LYS D 85 11.55 -5.69 -36.81
N LEU D 86 10.33 -6.20 -36.79
CA LEU D 86 9.41 -5.99 -37.91
C LEU D 86 9.03 -4.53 -38.08
N SER D 87 9.29 -3.66 -37.10
CA SER D 87 9.02 -2.25 -37.28
C SER D 87 10.08 -1.53 -38.10
N LYS D 88 11.19 -2.21 -38.44
CA LYS D 88 12.25 -1.58 -39.21
C LYS D 88 11.67 -0.85 -40.42
N ASP D 89 10.77 -1.49 -41.15
CA ASP D 89 10.23 -0.94 -42.39
C ASP D 89 9.13 0.08 -42.16
N PHE D 90 8.90 0.53 -40.92
CA PHE D 90 7.87 1.50 -40.60
C PHE D 90 8.52 2.78 -40.10
N ASP D 91 8.28 3.89 -40.81
CA ASP D 91 8.93 5.17 -40.51
C ASP D 91 8.21 5.86 -39.35
N ILE D 92 8.35 5.26 -38.16
CA ILE D 92 7.59 5.72 -37.00
C ILE D 92 8.50 6.39 -35.98
N VAL D 93 7.87 6.90 -34.91
CA VAL D 93 8.59 7.69 -33.91
C VAL D 93 9.55 6.80 -33.12
N GLY D 94 9.05 5.66 -32.66
CA GLY D 94 9.83 4.76 -31.83
C GLY D 94 8.96 3.58 -31.46
N ILE D 95 9.56 2.67 -30.71
CA ILE D 95 8.81 1.58 -30.12
C ILE D 95 8.77 1.79 -28.61
N ALA D 96 7.87 1.07 -27.96
CA ALA D 96 7.69 1.17 -26.53
C ALA D 96 7.51 -0.21 -25.95
N SER D 97 7.82 -0.32 -24.66
CA SER D 97 7.46 -1.51 -23.91
C SER D 97 7.21 -1.09 -22.46
N TYR D 98 6.17 -1.69 -21.87
CA TYR D 98 6.03 -1.66 -20.43
C TYR D 98 6.85 -2.79 -19.80
N ALA D 99 6.94 -2.78 -18.48
CA ALA D 99 7.69 -3.81 -17.80
C ALA D 99 6.99 -5.16 -17.93
N PRO D 100 7.74 -6.26 -17.83
CA PRO D 100 7.08 -7.57 -17.70
C PRO D 100 6.11 -7.55 -16.53
N TYR D 101 4.84 -7.83 -16.81
CA TYR D 101 3.80 -7.67 -15.81
C TYR D 101 3.52 -8.99 -15.09
N TYR D 102 2.51 -8.96 -14.21
CA TYR D 102 2.03 -10.10 -13.45
C TYR D 102 2.99 -10.57 -12.38
N TYR D 103 4.17 -11.00 -12.76
CA TYR D 103 5.06 -11.70 -11.82
C TYR D 103 5.63 -10.74 -10.78
N PRO D 104 5.25 -10.86 -9.52
CA PRO D 104 5.78 -9.94 -8.51
C PRO D 104 7.22 -10.28 -8.13
N ARG D 105 7.83 -9.34 -7.43
CA ARG D 105 9.22 -9.44 -7.00
C ARG D 105 10.12 -9.94 -8.14
N MET D 106 10.26 -9.10 -9.16
CA MET D 106 11.21 -9.35 -10.25
C MET D 106 12.47 -8.53 -10.00
N SER D 107 13.62 -9.17 -10.16
CA SER D 107 14.88 -8.54 -9.79
C SER D 107 15.17 -7.34 -10.71
N GLU D 108 15.72 -6.28 -10.12
CA GLU D 108 16.20 -5.17 -10.93
C GLU D 108 17.10 -5.70 -12.04
N LYS D 109 18.01 -6.62 -11.71
CA LYS D 109 18.91 -7.19 -12.70
C LYS D 109 18.13 -7.78 -13.87
N HIS D 110 17.05 -8.51 -13.58
CA HIS D 110 16.27 -9.13 -14.64
C HIS D 110 15.50 -8.09 -15.46
N LEU D 111 14.88 -7.12 -14.78
CA LEU D 111 14.14 -6.09 -15.50
C LEU D 111 15.06 -5.28 -16.40
N VAL D 112 16.28 -5.00 -15.95
CA VAL D 112 17.22 -4.26 -16.77
C VAL D 112 17.59 -5.07 -18.01
N LYS D 113 17.85 -6.37 -17.84
CA LYS D 113 18.16 -7.21 -18.99
C LYS D 113 17.04 -7.14 -20.03
N TYR D 114 15.79 -7.10 -19.57
CA TYR D 114 14.67 -7.10 -20.49
C TYR D 114 14.66 -5.85 -21.39
N PHE D 115 14.80 -4.67 -20.79
CA PHE D 115 14.75 -3.43 -21.58
C PHE D 115 16.01 -3.27 -22.43
N LYS D 116 17.18 -3.65 -21.89
CA LYS D 116 18.39 -3.60 -22.68
C LYS D 116 18.27 -4.47 -23.91
N THR D 117 17.64 -5.64 -23.78
CA THR D 117 17.49 -6.55 -24.90
C THR D 117 16.60 -5.97 -25.99
N LEU D 118 15.58 -5.19 -25.61
CA LEU D 118 14.76 -4.52 -26.61
C LEU D 118 15.51 -3.40 -27.30
N CYS D 119 16.41 -2.72 -26.58
CA CYS D 119 17.21 -1.67 -27.21
C CYS D 119 18.23 -2.25 -28.18
N GLU D 120 18.87 -3.36 -27.82
CA GLU D 120 19.88 -3.95 -28.68
C GLU D 120 19.33 -4.36 -30.05
N VAL D 121 18.02 -4.52 -30.18
CA VAL D 121 17.41 -5.01 -31.41
C VAL D 121 16.49 -3.99 -32.06
N SER D 122 16.30 -2.83 -31.47
CA SER D 122 15.26 -1.92 -31.96
C SER D 122 15.78 -1.09 -33.12
N PRO D 123 15.02 -0.99 -34.22
CA PRO D 123 15.42 -0.08 -35.30
C PRO D 123 14.82 1.31 -35.16
N HIS D 124 14.38 1.68 -33.97
CA HIS D 124 13.84 3.01 -33.73
C HIS D 124 14.19 3.43 -32.31
N PRO D 125 13.99 4.69 -31.97
CA PRO D 125 14.03 5.08 -30.56
C PRO D 125 13.09 4.23 -29.72
N VAL D 126 13.53 3.96 -28.49
CA VAL D 126 12.81 3.08 -27.58
C VAL D 126 12.28 3.92 -26.42
N TYR D 127 10.97 3.85 -26.19
CA TYR D 127 10.33 4.56 -25.10
C TYR D 127 10.01 3.61 -23.96
N LEU D 128 10.13 4.11 -22.73
CA LEU D 128 9.78 3.36 -21.53
C LEU D 128 8.32 3.66 -21.18
N TYR D 129 7.51 2.61 -21.11
CA TYR D 129 6.10 2.72 -20.70
C TYR D 129 6.04 2.26 -19.25
N ASN D 130 6.17 3.20 -18.33
CA ASN D 130 6.19 2.89 -16.91
C ASN D 130 4.78 2.99 -16.34
N TYR D 131 4.28 1.89 -15.79
CA TYR D 131 2.93 1.84 -15.23
C TYR D 131 2.96 0.89 -14.05
N PRO D 132 3.44 1.35 -12.89
CA PRO D 132 3.60 0.44 -11.75
C PRO D 132 2.34 -0.28 -11.33
N THR D 133 1.20 0.41 -11.24
CA THR D 133 -0.03 -0.24 -10.81
C THR D 133 -0.36 -1.44 -11.69
N ALA D 134 -0.26 -1.26 -13.01
CA ALA D 134 -0.68 -2.33 -13.92
C ALA D 134 0.35 -3.46 -13.95
N THR D 135 1.64 -3.12 -14.05
CA THR D 135 2.68 -4.13 -14.21
C THR D 135 3.22 -4.65 -12.88
N GLY D 136 3.09 -3.88 -11.80
CA GLY D 136 3.53 -4.34 -10.51
C GLY D 136 5.01 -4.15 -10.22
N LYS D 137 5.66 -3.19 -10.87
CA LYS D 137 7.02 -2.79 -10.54
C LYS D 137 7.30 -1.45 -11.20
N ASP D 138 8.35 -0.79 -10.74
CA ASP D 138 8.62 0.59 -11.12
C ASP D 138 10.00 0.70 -11.77
N ILE D 139 10.02 1.19 -13.01
CA ILE D 139 11.27 1.60 -13.65
C ILE D 139 11.38 3.09 -13.40
N ASP D 140 11.89 3.44 -12.22
CA ASP D 140 12.01 4.84 -11.84
C ASP D 140 13.16 5.49 -12.62
N ALA D 141 13.34 6.80 -12.39
CA ALA D 141 14.33 7.56 -13.14
C ALA D 141 15.72 6.94 -13.01
N LYS D 142 16.04 6.39 -11.84
CA LYS D 142 17.38 5.84 -11.61
C LYS D 142 17.59 4.59 -12.46
N VAL D 143 16.63 3.68 -12.45
CA VAL D 143 16.73 2.45 -13.23
C VAL D 143 16.72 2.77 -14.72
N ALA D 144 15.93 3.77 -15.13
CA ALA D 144 15.92 4.16 -16.53
C ALA D 144 17.27 4.72 -16.95
N LYS D 145 17.90 5.52 -16.10
CA LYS D 145 19.22 6.04 -16.41
C LYS D 145 20.25 4.92 -16.54
N GLU D 146 20.05 3.82 -15.80
CA GLU D 146 20.99 2.70 -15.86
C GLU D 146 20.77 1.83 -17.07
N ILE D 147 19.52 1.67 -17.53
CA ILE D 147 19.28 1.08 -18.83
C ILE D 147 20.02 1.88 -19.89
N GLY D 148 19.88 3.20 -19.87
CA GLY D 148 20.72 4.09 -20.64
C GLY D 148 20.36 4.24 -22.10
N CYS D 149 19.21 3.71 -22.55
CA CYS D 149 18.88 3.71 -23.96
C CYS D 149 17.47 4.21 -24.26
N PHE D 150 16.76 4.77 -23.28
CA PHE D 150 15.43 5.30 -23.54
C PHE D 150 15.53 6.71 -24.13
N THR D 151 14.73 6.96 -25.17
CA THR D 151 14.59 8.30 -25.72
C THR D 151 13.53 9.10 -24.99
N GLY D 152 12.57 8.42 -24.37
CA GLY D 152 11.54 9.08 -23.59
C GLY D 152 10.95 8.12 -22.57
N VAL D 153 9.92 8.62 -21.88
CA VAL D 153 9.25 7.82 -20.85
C VAL D 153 7.82 8.33 -20.71
N LYS D 154 6.87 7.41 -20.66
CA LYS D 154 5.51 7.71 -20.24
C LYS D 154 5.35 7.22 -18.81
N ASP D 155 5.21 8.15 -17.88
CA ASP D 155 5.14 7.84 -16.46
C ASP D 155 3.68 7.84 -16.02
N VAL D 156 3.10 6.65 -15.87
CA VAL D 156 1.71 6.49 -15.47
C VAL D 156 1.70 6.36 -13.96
N ILE D 157 1.68 7.50 -13.27
CA ILE D 157 1.76 7.51 -11.82
C ILE D 157 1.13 8.79 -11.30
N GLU D 158 0.41 8.68 -10.19
CA GLU D 158 -0.17 9.87 -9.57
C GLU D 158 0.90 10.82 -9.07
N ASN D 159 2.01 10.27 -8.58
CA ASN D 159 3.13 11.05 -8.06
C ASN D 159 3.86 11.77 -9.19
N ILE D 160 3.79 13.10 -9.22
CA ILE D 160 4.49 13.83 -10.27
C ILE D 160 5.93 14.18 -9.88
N ILE D 161 6.27 14.15 -8.59
CA ILE D 161 7.68 14.17 -8.21
C ILE D 161 8.42 13.07 -8.97
N HIS D 162 7.78 11.91 -9.07
CA HIS D 162 8.37 10.76 -9.75
C HIS D 162 8.61 11.06 -11.22
N THR D 163 7.68 11.76 -11.85
CA THR D 163 7.82 12.07 -13.28
C THR D 163 8.94 13.07 -13.51
N LEU D 164 9.02 14.12 -12.69
CA LEU D 164 10.07 15.11 -12.86
C LEU D 164 11.45 14.49 -12.68
N ASP D 165 11.58 13.49 -11.81
CA ASP D 165 12.89 12.93 -11.53
C ASP D 165 13.54 12.38 -12.79
N TYR D 166 12.75 11.97 -13.77
CA TYR D 166 13.33 11.51 -15.03
C TYR D 166 14.16 12.62 -15.69
N LYS D 167 13.59 13.82 -15.82
CA LYS D 167 14.34 14.95 -16.34
C LYS D 167 15.61 15.19 -15.53
N ARG D 168 15.47 15.24 -14.20
CA ARG D 168 16.60 15.53 -13.33
C ARG D 168 17.79 14.62 -13.64
N LEU D 169 17.54 13.32 -13.80
CA LEU D 169 18.62 12.36 -14.03
C LEU D 169 18.89 12.12 -15.50
N ASN D 170 17.95 12.43 -16.39
CA ASN D 170 18.14 12.31 -17.83
C ASN D 170 17.66 13.61 -18.47
N PRO D 171 18.50 14.66 -18.49
CA PRO D 171 18.04 15.93 -19.07
C PRO D 171 17.61 15.82 -20.51
N ASN D 172 18.16 14.86 -21.25
CA ASN D 172 17.89 14.73 -22.68
C ASN D 172 16.69 13.83 -22.98
N MET D 173 16.06 13.27 -21.96
CA MET D 173 14.98 12.31 -22.15
C MET D 173 13.64 13.02 -22.26
N LEU D 174 12.84 12.62 -23.24
CA LEU D 174 11.48 13.10 -23.35
C LEU D 174 10.64 12.51 -22.22
N VAL D 175 9.99 13.36 -21.43
CA VAL D 175 9.24 12.91 -20.26
C VAL D 175 7.78 13.27 -20.42
N TYR D 176 6.92 12.25 -20.44
CA TYR D 176 5.49 12.44 -20.51
C TYR D 176 4.85 11.87 -19.26
N SER D 177 3.78 12.51 -18.80
CA SER D 177 2.92 11.95 -17.77
C SER D 177 1.75 11.25 -18.44
N GLY D 178 1.24 10.21 -17.77
CA GLY D 178 0.10 9.47 -18.26
C GLY D 178 -1.22 9.80 -17.59
N SER D 179 -1.23 10.81 -16.71
CA SER D 179 -2.46 11.21 -16.05
C SER D 179 -3.18 12.25 -16.89
N ASP D 180 -4.48 12.03 -17.12
CA ASP D 180 -5.27 13.02 -17.82
C ASP D 180 -5.52 14.26 -16.97
N MET D 181 -5.50 14.10 -15.65
CA MET D 181 -5.81 15.19 -14.74
C MET D 181 -4.66 16.19 -14.58
N LEU D 182 -3.56 16.01 -15.30
CA LEU D 182 -2.37 16.84 -15.13
C LEU D 182 -1.89 17.43 -16.44
N ILE D 183 -2.80 17.58 -17.42
CA ILE D 183 -2.41 18.18 -18.69
C ILE D 183 -1.99 19.63 -18.48
N ALA D 184 -2.86 20.42 -17.83
CA ALA D 184 -2.49 21.79 -17.51
C ALA D 184 -1.18 21.84 -16.75
N THR D 185 -1.03 20.98 -15.75
CA THR D 185 0.15 21.04 -14.89
C THR D 185 1.41 20.65 -15.66
N VAL D 186 1.38 19.49 -16.32
CA VAL D 186 2.48 19.06 -17.17
C VAL D 186 2.92 20.19 -18.09
N ALA D 187 2.00 20.70 -18.91
CA ALA D 187 2.35 21.69 -19.92
C ALA D 187 2.99 22.91 -19.30
N SER D 188 2.69 23.22 -18.04
CA SER D 188 3.14 24.46 -17.43
C SER D 188 4.42 24.30 -16.63
N THR D 189 4.84 23.08 -16.31
CA THR D 189 5.97 22.86 -15.42
C THR D 189 7.21 22.34 -16.13
N GLY D 190 7.26 22.40 -17.46
CA GLY D 190 8.47 22.10 -18.19
C GLY D 190 8.62 20.67 -18.68
N LEU D 191 7.54 19.89 -18.68
CA LEU D 191 7.58 18.55 -19.24
C LEU D 191 7.10 18.56 -20.68
N ASP D 192 7.14 17.39 -21.31
CA ASP D 192 6.95 17.29 -22.76
C ASP D 192 5.56 16.83 -23.16
N GLY D 193 4.64 16.69 -22.22
CA GLY D 193 3.25 16.50 -22.57
C GLY D 193 2.64 15.32 -21.85
N ASN D 194 1.51 14.85 -22.38
CA ASN D 194 0.67 13.89 -21.70
C ASN D 194 0.24 12.79 -22.66
N VAL D 195 0.46 11.54 -22.26
CA VAL D 195 -0.23 10.42 -22.88
C VAL D 195 -1.57 10.30 -22.17
N ALA D 196 -2.64 10.70 -22.85
CA ALA D 196 -3.94 10.91 -22.24
C ALA D 196 -4.96 10.04 -22.96
N LEU D 197 -5.53 9.07 -22.23
CA LEU D 197 -6.59 8.24 -22.79
C LEU D 197 -7.85 9.06 -23.03
N GLY D 198 -8.06 10.11 -22.25
CA GLY D 198 -9.21 10.98 -22.44
C GLY D 198 -9.20 11.70 -23.76
N SER D 199 -8.04 11.80 -24.40
CA SER D 199 -7.96 12.39 -25.74
C SER D 199 -8.64 11.50 -26.79
N ASN D 200 -8.89 10.23 -26.47
CA ASN D 200 -9.69 9.38 -27.36
C ASN D 200 -11.05 9.99 -27.61
N TYR D 201 -11.74 10.41 -26.54
CA TYR D 201 -13.11 10.88 -26.65
C TYR D 201 -13.25 12.39 -26.55
N LEU D 202 -12.28 13.09 -25.97
CA LEU D 202 -12.28 14.56 -25.96
C LEU D 202 -10.91 15.09 -26.35
N PRO D 203 -10.44 14.75 -27.55
CA PRO D 203 -9.16 15.33 -28.01
C PRO D 203 -9.21 16.84 -28.10
N GLU D 204 -10.37 17.41 -28.43
CA GLU D 204 -10.50 18.85 -28.48
C GLU D 204 -10.14 19.47 -27.13
N VAL D 205 -10.57 18.83 -26.04
CA VAL D 205 -10.36 19.38 -24.72
C VAL D 205 -8.89 19.26 -24.31
N THR D 206 -8.31 18.07 -24.47
CA THR D 206 -6.93 17.88 -24.05
C THR D 206 -5.99 18.80 -24.83
N VAL D 207 -6.24 18.96 -26.14
CA VAL D 207 -5.46 19.89 -26.94
C VAL D 207 -5.63 21.32 -26.43
N THR D 208 -6.85 21.68 -26.06
CA THR D 208 -7.12 23.07 -25.68
C THR D 208 -6.56 23.38 -24.29
N ILE D 209 -6.69 22.45 -23.34
CA ILE D 209 -5.99 22.61 -22.07
C ILE D 209 -4.53 22.93 -22.32
N LYS D 210 -3.91 22.19 -23.25
CA LYS D 210 -2.50 22.39 -23.56
C LYS D 210 -2.24 23.82 -24.02
N LYS D 211 -2.93 24.26 -25.07
CA LYS D 211 -2.73 25.61 -25.60
C LYS D 211 -2.84 26.64 -24.49
N LEU D 212 -3.99 26.66 -23.80
CA LEU D 212 -4.20 27.64 -22.74
C LEU D 212 -3.01 27.70 -21.79
N ALA D 213 -2.45 26.54 -21.43
CA ALA D 213 -1.30 26.52 -20.55
C ALA D 213 -0.09 27.19 -21.18
N MET D 214 0.25 26.80 -22.41
CA MET D 214 1.39 27.42 -23.08
C MET D 214 1.17 28.91 -23.31
N GLU D 215 -0.09 29.37 -23.33
CA GLU D 215 -0.39 30.79 -23.37
C GLU D 215 -0.39 31.43 -21.99
N ARG D 216 0.05 30.69 -20.96
CA ARG D 216 0.11 31.14 -19.58
C ARG D 216 -1.24 31.65 -19.08
N LYS D 217 -2.31 31.19 -19.71
CA LYS D 217 -3.68 31.43 -19.24
C LYS D 217 -4.11 30.33 -18.27
N ILE D 218 -3.28 30.07 -17.24
CA ILE D 218 -3.48 28.90 -16.41
C ILE D 218 -4.86 28.90 -15.76
N ASP D 219 -5.37 30.08 -15.40
CA ASP D 219 -6.69 30.15 -14.78
C ASP D 219 -7.73 29.42 -15.61
N GLU D 220 -7.87 29.83 -16.88
CA GLU D 220 -8.73 29.11 -17.82
C GLU D 220 -8.37 27.63 -17.87
N ALA D 221 -7.09 27.33 -18.08
CA ALA D 221 -6.65 25.94 -18.24
C ALA D 221 -7.21 25.05 -17.16
N LEU D 222 -7.14 25.51 -15.90
CA LEU D 222 -7.64 24.70 -14.79
C LEU D 222 -9.15 24.52 -14.87
N LYS D 223 -9.89 25.59 -15.18
CA LYS D 223 -11.32 25.44 -15.38
C LYS D 223 -11.60 24.31 -16.35
N LEU D 224 -10.86 24.27 -17.45
CA LEU D 224 -11.08 23.25 -18.48
C LEU D 224 -10.58 21.90 -18.01
N GLN D 225 -9.43 21.86 -17.33
CA GLN D 225 -8.94 20.61 -16.77
C GLN D 225 -9.97 20.00 -15.82
N PHE D 226 -10.64 20.83 -15.03
CA PHE D 226 -11.55 20.32 -14.02
C PHE D 226 -12.79 19.70 -14.65
N LEU D 227 -13.36 20.35 -15.67
CA LEU D 227 -14.41 19.70 -16.45
C LEU D 227 -13.94 18.33 -16.93
N HIS D 228 -12.76 18.30 -17.55
CA HIS D 228 -12.20 17.04 -18.00
C HIS D 228 -12.09 16.04 -16.85
N ASP D 229 -11.72 16.54 -15.66
CA ASP D 229 -11.61 15.67 -14.49
C ASP D 229 -12.96 15.00 -14.19
N GLU D 230 -14.05 15.74 -14.34
CA GLU D 230 -15.37 15.15 -14.06
C GLU D 230 -15.68 14.03 -15.04
N VAL D 231 -15.27 14.18 -16.30
CA VAL D 231 -15.56 13.15 -17.29
C VAL D 231 -14.75 11.89 -16.99
N ILE D 232 -13.45 12.06 -16.70
CA ILE D 232 -12.63 10.94 -16.26
C ILE D 232 -13.36 10.15 -15.17
N GLU D 233 -13.86 10.85 -14.15
CA GLU D 233 -14.51 10.19 -13.04
C GLU D 233 -15.79 9.48 -13.47
N ALA D 234 -16.60 10.14 -14.30
CA ALA D 234 -17.81 9.49 -14.79
C ALA D 234 -17.51 8.14 -15.42
N SER D 235 -16.33 7.99 -16.04
CA SER D 235 -15.98 6.74 -16.73
C SER D 235 -15.56 5.65 -15.76
N ARG D 236 -15.05 6.01 -14.57
CA ARG D 236 -14.65 4.99 -13.60
C ARG D 236 -15.84 4.31 -12.96
N ILE D 237 -16.99 4.99 -12.92
CA ILE D 237 -18.17 4.41 -12.30
C ILE D 237 -18.42 2.99 -12.79
N PHE D 238 -18.28 2.78 -14.10
CA PHE D 238 -18.61 1.50 -14.72
C PHE D 238 -17.40 0.77 -15.32
N GLY D 239 -16.20 1.32 -15.17
CA GLY D 239 -15.03 0.69 -15.78
C GLY D 239 -14.53 1.50 -16.96
N SER D 240 -13.51 2.32 -16.72
CA SER D 240 -13.14 3.35 -17.68
C SER D 240 -12.69 2.76 -19.01
N LEU D 241 -12.10 1.56 -19.01
CA LEU D 241 -11.66 0.97 -20.27
C LEU D 241 -12.87 0.64 -21.15
N SER D 242 -13.96 0.17 -20.56
CA SER D 242 -15.18 -0.06 -21.33
C SER D 242 -15.91 1.24 -21.63
N SER D 243 -15.87 2.19 -20.70
CA SER D 243 -16.54 3.47 -20.89
C SER D 243 -15.91 4.28 -22.02
N ASN D 244 -14.61 4.10 -22.26
CA ASN D 244 -13.93 4.79 -23.35
C ASN D 244 -14.71 4.66 -24.66
N TYR D 245 -15.24 3.47 -24.93
CA TYR D 245 -15.98 3.27 -26.18
C TYR D 245 -17.24 4.11 -26.20
N VAL D 246 -18.04 4.04 -25.13
CA VAL D 246 -19.27 4.80 -25.07
C VAL D 246 -18.98 6.30 -25.12
N LEU D 247 -17.92 6.74 -24.44
CA LEU D 247 -17.62 8.17 -24.42
C LEU D 247 -17.14 8.65 -25.78
N THR D 248 -16.31 7.87 -26.47
CA THR D 248 -15.82 8.29 -27.78
C THR D 248 -16.97 8.38 -28.77
N LYS D 249 -17.87 7.38 -28.77
CA LYS D 249 -19.03 7.43 -29.65
C LYS D 249 -19.92 8.62 -29.31
N TYR D 250 -20.05 8.94 -28.02
CA TYR D 250 -20.96 10.00 -27.63
C TYR D 250 -20.42 11.37 -28.02
N PHE D 251 -19.13 11.63 -27.79
CA PHE D 251 -18.57 12.94 -28.07
C PHE D 251 -18.12 13.13 -29.51
N GLN D 252 -17.62 12.07 -30.16
CA GLN D 252 -17.06 12.18 -31.50
C GLN D 252 -17.97 11.64 -32.59
N GLY D 253 -19.03 10.93 -32.23
CA GLY D 253 -20.07 10.60 -33.19
C GLY D 253 -19.79 9.45 -34.12
N TYR D 254 -18.93 8.51 -33.74
CA TYR D 254 -18.75 7.27 -34.50
C TYR D 254 -18.58 6.12 -33.52
N ASP D 255 -18.79 4.91 -34.03
CA ASP D 255 -18.78 3.71 -33.20
C ASP D 255 -17.39 3.08 -33.18
N LEU D 256 -16.99 2.61 -32.00
CA LEU D 256 -15.76 1.84 -31.85
C LEU D 256 -16.03 0.39 -31.45
N GLY D 257 -17.24 -0.10 -31.70
CA GLY D 257 -17.56 -1.48 -31.41
C GLY D 257 -17.44 -1.78 -29.92
N TYR D 258 -16.79 -2.90 -29.62
CA TYR D 258 -16.75 -3.46 -28.28
C TYR D 258 -15.32 -3.65 -27.82
N PRO D 259 -15.08 -3.75 -26.52
CA PRO D 259 -13.75 -4.17 -26.04
C PRO D 259 -13.56 -5.67 -26.15
N ARG D 260 -12.53 -6.20 -25.49
CA ARG D 260 -12.28 -7.64 -25.49
C ARG D 260 -12.55 -8.19 -24.10
N PRO D 261 -13.60 -8.98 -23.89
CA PRO D 261 -13.82 -9.59 -22.57
C PRO D 261 -12.58 -10.33 -22.11
N PRO D 262 -12.24 -10.26 -20.81
CA PRO D 262 -13.02 -9.77 -19.66
C PRO D 262 -13.12 -8.26 -19.49
N ILE D 263 -12.66 -7.48 -20.46
CA ILE D 263 -13.10 -6.08 -20.56
C ILE D 263 -14.46 -6.15 -21.23
N PHE D 264 -15.53 -6.14 -20.43
CA PHE D 264 -16.88 -6.31 -20.95
C PHE D 264 -17.45 -4.95 -21.39
N PRO D 265 -18.24 -4.92 -22.46
CA PRO D 265 -18.88 -3.66 -22.84
C PRO D 265 -19.95 -3.26 -21.83
N LEU D 266 -20.24 -1.97 -21.80
CA LEU D 266 -21.37 -1.48 -21.03
C LEU D 266 -22.66 -1.87 -21.72
N ASP D 267 -23.68 -2.17 -20.92
CA ASP D 267 -24.99 -2.51 -21.48
C ASP D 267 -25.83 -1.24 -21.58
N ASP D 268 -27.04 -1.38 -22.14
CA ASP D 268 -27.86 -0.23 -22.49
C ASP D 268 -28.08 0.69 -21.28
N GLU D 269 -28.25 0.12 -20.09
CA GLU D 269 -28.55 0.95 -18.91
C GLU D 269 -27.29 1.61 -18.36
N GLU D 270 -26.17 0.88 -18.31
CA GLU D 270 -24.91 1.49 -17.93
C GLU D 270 -24.55 2.65 -18.85
N GLU D 271 -24.84 2.50 -20.14
CA GLU D 271 -24.59 3.56 -21.11
C GLU D 271 -25.43 4.79 -20.80
N ARG D 272 -26.67 4.59 -20.36
CA ARG D 272 -27.55 5.71 -20.05
C ARG D 272 -27.05 6.48 -18.82
N GLN D 273 -26.71 5.77 -17.76
CA GLN D 273 -26.27 6.44 -16.54
C GLN D 273 -24.97 7.19 -16.77
N LEU D 274 -24.08 6.64 -17.60
CA LEU D 274 -22.82 7.31 -17.90
C LEU D 274 -23.06 8.59 -18.68
N ILE D 275 -23.89 8.54 -19.72
CA ILE D 275 -24.18 9.74 -20.50
C ILE D 275 -24.95 10.74 -19.66
N LYS D 276 -25.78 10.28 -18.73
CA LYS D 276 -26.51 11.21 -17.88
C LYS D 276 -25.57 11.98 -16.97
N LYS D 277 -24.40 11.41 -16.66
CA LYS D 277 -23.41 12.14 -15.87
C LYS D 277 -22.76 13.25 -16.69
N VAL D 278 -22.36 12.94 -17.93
CA VAL D 278 -21.62 13.90 -18.74
C VAL D 278 -22.51 14.75 -19.65
N GLU D 279 -23.83 14.53 -19.64
CA GLU D 279 -24.72 15.29 -20.52
C GLU D 279 -24.50 16.78 -20.39
N GLY D 280 -24.35 17.29 -19.17
CA GLY D 280 -24.21 18.72 -18.96
C GLY D 280 -22.83 19.24 -19.34
N ILE D 281 -21.78 18.46 -19.08
CA ILE D 281 -20.44 18.89 -19.44
C ILE D 281 -20.30 19.04 -20.94
N ARG D 282 -20.96 18.16 -21.71
CA ARG D 282 -20.97 18.30 -23.16
C ARG D 282 -21.58 19.64 -23.57
N ALA D 283 -22.73 19.98 -23.01
CA ALA D 283 -23.40 21.24 -23.37
C ALA D 283 -22.48 22.42 -23.11
N LYS D 284 -21.90 22.49 -21.91
N LYS D 284 -21.91 22.49 -21.90
CA LYS D 284 -21.01 23.58 -21.57
CA LYS D 284 -21.00 23.59 -21.57
C LYS D 284 -19.86 23.71 -22.56
C LYS D 284 -19.86 23.71 -22.57
N LEU D 285 -19.39 22.59 -23.10
CA LEU D 285 -18.26 22.62 -24.02
C LEU D 285 -18.64 23.09 -25.42
N VAL D 286 -19.88 22.83 -25.86
CA VAL D 286 -20.36 23.47 -27.09
C VAL D 286 -20.54 24.96 -26.86
N GLU D 287 -21.11 25.32 -25.70
CA GLU D 287 -21.21 26.71 -25.31
C GLU D 287 -19.87 27.43 -25.42
N LEU D 288 -18.82 26.83 -24.88
CA LEU D 288 -17.47 27.39 -24.92
C LEU D 288 -16.80 27.20 -26.28
N LYS D 289 -17.53 26.74 -27.29
CA LYS D 289 -17.01 26.60 -28.65
C LYS D 289 -15.78 25.71 -28.70
N ILE D 290 -15.72 24.72 -27.82
CA ILE D 290 -14.66 23.72 -27.85
C ILE D 290 -15.07 22.49 -28.65
N LEU D 291 -16.34 22.11 -28.53
CA LEU D 291 -16.93 21.06 -29.36
C LEU D 291 -17.83 21.68 -30.41
N LYS D 292 -17.99 20.99 -31.53
CA LYS D 292 -18.92 21.40 -32.56
C LYS D 292 -20.33 20.93 -32.19
N GLU D 293 -21.31 21.81 -32.39
CA GLU D 293 -22.70 21.47 -32.13
C GLU D 293 -23.10 20.25 -32.95
C1 GOL E . -14.95 28.65 10.10
O1 GOL E . -15.84 29.65 9.70
C2 GOL E . -13.94 29.33 11.04
O2 GOL E . -13.36 30.43 10.45
C3 GOL E . -14.76 29.68 12.29
O3 GOL E . -15.62 30.70 11.91
H11 GOL E . -15.39 27.92 10.56
H12 GOL E . -14.48 28.25 9.35
HO1 GOL E . -15.38 30.34 9.57
H2 GOL E . -13.22 28.71 11.26
HO2 GOL E . -13.80 31.11 10.70
H31 GOL E . -15.20 28.88 12.61
H32 GOL E . -14.14 29.94 12.99
HO3 GOL E . -15.90 31.06 12.64
C1 EDO F . -20.54 18.17 16.25
O1 EDO F . -20.24 19.52 15.89
C2 EDO F . -20.86 17.41 14.97
O2 EDO F . -21.58 16.20 15.28
H11 EDO F . -19.69 17.71 16.76
H12 EDO F . -21.39 18.15 16.93
HO1 EDO F . -19.49 19.53 15.28
H21 EDO F . -21.46 18.04 14.31
H22 EDO F . -19.94 17.16 14.45
HO2 EDO F . -21.76 15.73 14.47
C1 GOL G . -4.89 -3.60 20.96
O1 GOL G . -3.59 -3.82 21.44
C2 GOL G . -4.92 -4.00 19.43
O2 GOL G . -5.29 -5.34 19.21
C3 GOL G . -5.91 -2.94 18.76
O3 GOL G . -6.21 -3.39 17.44
H11 GOL G . -5.55 -4.14 21.43
H12 GOL G . -5.17 -2.68 21.06
HO1 GOL G . -3.36 -3.08 21.80
H2 GOL G . -4.03 -3.93 19.04
HO2 GOL G . -6.11 -5.35 18.98
H31 GOL G . -6.70 -2.86 19.31
H32 GOL G . -5.49 -2.07 18.77
HO3 GOL G . -7.03 -3.24 17.31
C1 EDO H . -21.23 -25.43 -6.49
O1 EDO H . -20.49 -26.57 -6.94
C2 EDO H . -20.50 -24.85 -5.29
O2 EDO H . -21.24 -23.75 -4.75
H11 EDO H . -21.31 -24.69 -7.29
H12 EDO H . -22.24 -25.74 -6.21
HO1 EDO H . -19.79 -26.29 -7.55
H21 EDO H . -20.37 -25.62 -4.53
H22 EDO H . -19.51 -24.51 -5.60
HO2 EDO H . -20.64 -23.16 -4.26
#